data_6XAI
#
_entry.id   6XAI
#
_cell.length_a   56.122
_cell.length_b   56.285
_cell.length_c   58.779
_cell.angle_alpha   91.130
_cell.angle_beta   92.930
_cell.angle_gamma   101.000
#
_symmetry.space_group_name_H-M   'P 1'
#
loop_
_entity.id
_entity.type
_entity.pdbx_description
1 polymer NzeB
2 non-polymer 'PROTOPORPHYRIN IX CONTAINING FE'
3 non-polymer (3S,8aS)-3-(1H-indol-3-ylmethyl)hexahydropyrrolo[1,2-a]pyrazine-1,4-dione
4 non-polymer 1,2-ETHANEDIOL
5 water water
#
_entity_poly.entity_id   1
_entity_poly.type   'polypeptide(L)'
_entity_poly.pdbx_seq_one_letter_code
;VTTTATLTYPFHDWSQELSPRYAQLRASDAPVCPVVSEGTGDPLWLVTRYATAVKLLEDSRFSSEAAQASGAPRQEPVEL
RAPGTRGDAIAMLREAGLRSVLADGLGPRAVRRHQGWINDLAETLMSELASREGTFDLAADFVEPLSSALVSRTLLGELS
ADERDLLAHCADTGLRF(CSO)GVTHEEQVHAFTQMHEFFLEHARRLAGTPGEHLLKLIAEAPVDQGPLSDEALAEAGSL
LVVAGFPTSSGFLCGALLTLLRHPDAVQELHAHPERVPSAVEELLRYTPLSTGSVKRMATEDLEIDGVRIKAGEVVMVSL
EAVNHDPDAFEDPDVFRPGREGPMHFGFGRGRHFCPGNRLARCVIEATVRAVARRPGLRLAVAPEEISWHEGLFFRRPRA
IPATW
;
_entity_poly.pdbx_strand_id   A,B
#
loop_
_chem_comp.id
_chem_comp.type
_chem_comp.name
_chem_comp.formula
EDO non-polymer 1,2-ETHANEDIOL 'C2 H6 O2'
HEM non-polymer 'PROTOPORPHYRIN IX CONTAINING FE' 'C34 H32 Fe N4 O4'
QRP non-polymer (3S,8aS)-3-(1H-indol-3-ylmethyl)hexahydropyrrolo[1,2-a]pyrazine-1,4-dione 'C16 H17 N3 O2'
#
# COMPACT_ATOMS: atom_id res chain seq x y z
N THR A 3 -4.06 -47.55 10.62
CA THR A 3 -4.36 -46.56 11.65
C THR A 3 -4.69 -47.21 12.97
N THR A 4 -4.01 -46.80 14.03
CA THR A 4 -4.18 -47.32 15.38
C THR A 4 -4.68 -46.21 16.31
N ALA A 5 -4.66 -46.47 17.61
CA ALA A 5 -5.14 -45.49 18.58
C ALA A 5 -4.09 -44.48 19.01
N THR A 6 -2.81 -44.74 18.73
CA THR A 6 -1.77 -43.75 18.95
C THR A 6 -1.69 -42.88 17.70
N LEU A 7 -1.55 -41.57 17.90
CA LEU A 7 -1.50 -40.67 16.77
C LEU A 7 -0.19 -40.84 16.02
N THR A 8 -0.27 -40.79 14.69
CA THR A 8 0.92 -40.72 13.87
C THR A 8 1.26 -39.27 13.58
N TYR A 9 2.55 -39.01 13.40
CA TYR A 9 3.04 -37.65 13.30
C TYR A 9 3.87 -37.55 12.03
N PRO A 10 3.76 -36.44 11.27
CA PRO A 10 3.04 -35.19 11.56
C PRO A 10 1.55 -35.24 11.23
N PHE A 11 0.87 -34.10 11.32
CA PHE A 11 -0.58 -34.07 11.27
C PHE A 11 -1.14 -33.58 9.93
N HIS A 12 -0.32 -33.53 8.88
CA HIS A 12 -0.76 -33.30 7.51
C HIS A 12 -1.37 -31.92 7.30
N ASP A 13 -1.02 -30.97 8.17
CA ASP A 13 -1.56 -29.61 8.09
C ASP A 13 -0.64 -28.73 7.27
N TRP A 14 -0.67 -28.95 5.95
CA TRP A 14 0.28 -28.32 5.05
C TRP A 14 -0.07 -26.87 4.71
N SER A 15 -1.30 -26.43 4.98
CA SER A 15 -1.71 -25.05 4.75
C SER A 15 -1.52 -24.24 6.02
N GLN A 16 -2.03 -23.00 6.05
CA GLN A 16 -1.92 -22.22 7.29
C GLN A 16 -2.93 -22.64 8.34
N GLU A 17 -3.91 -23.49 7.98
CA GLU A 17 -4.86 -24.03 8.95
C GLU A 17 -4.15 -25.09 9.78
N LEU A 18 -3.88 -24.77 11.05
CA LEU A 18 -3.20 -25.69 11.94
C LEU A 18 -4.09 -26.89 12.24
N SER A 19 -3.50 -28.08 12.32
CA SER A 19 -4.27 -29.26 12.66
C SER A 19 -5.01 -29.04 13.97
N PRO A 20 -6.32 -29.30 14.02
CA PRO A 20 -7.03 -29.21 15.30
C PRO A 20 -6.49 -30.15 16.35
N ARG A 21 -5.72 -31.16 15.94
CA ARG A 21 -5.18 -32.11 16.90
C ARG A 21 -4.27 -31.43 17.91
N TYR A 22 -3.58 -30.36 17.50
CA TYR A 22 -2.67 -29.73 18.44
C TYR A 22 -3.41 -29.17 19.64
N ALA A 23 -4.55 -28.47 19.40
CA ALA A 23 -5.31 -27.91 20.51
C ALA A 23 -5.97 -28.99 21.35
N GLN A 24 -6.36 -30.10 20.72
CA GLN A 24 -6.91 -31.23 21.47
C GLN A 24 -5.87 -31.80 22.44
N LEU A 25 -4.64 -31.99 21.97
CA LEU A 25 -3.60 -32.53 22.84
C LEU A 25 -3.25 -31.53 23.94
N ARG A 26 -3.24 -30.23 23.62
CA ARG A 26 -2.93 -29.21 24.62
C ARG A 26 -3.89 -29.30 25.80
N ALA A 27 -5.18 -29.52 25.50
CA ALA A 27 -6.22 -29.54 26.52
C ALA A 27 -6.39 -30.91 27.16
N SER A 28 -5.69 -31.94 26.71
CA SER A 28 -5.81 -33.25 27.33
C SER A 28 -5.09 -33.24 28.69
N ASP A 29 -5.15 -34.39 29.38
CA ASP A 29 -4.51 -34.53 30.68
C ASP A 29 -3.03 -34.90 30.61
N ALA A 30 -2.48 -35.13 29.43
CA ALA A 30 -1.08 -35.52 29.30
C ALA A 30 -0.26 -34.32 28.89
N PRO A 31 0.66 -33.83 29.74
CA PRO A 31 1.54 -32.73 29.32
C PRO A 31 2.53 -33.12 28.24
N VAL A 32 2.80 -34.42 28.09
CA VAL A 32 3.69 -34.97 27.08
C VAL A 32 2.99 -36.21 26.54
N CYS A 33 2.75 -36.24 25.22
CA CYS A 33 1.90 -37.27 24.64
CA CYS A 33 1.90 -37.27 24.65
C CYS A 33 2.71 -38.21 23.76
N PRO A 34 2.58 -39.52 23.92
CA PRO A 34 3.30 -40.44 23.03
C PRO A 34 2.64 -40.45 21.65
N VAL A 35 3.47 -40.37 20.61
CA VAL A 35 3.04 -40.46 19.23
C VAL A 35 4.00 -41.41 18.51
N VAL A 36 3.68 -41.70 17.25
CA VAL A 36 4.52 -42.55 16.40
C VAL A 36 4.81 -41.80 15.10
N SER A 37 6.06 -41.83 14.67
CA SER A 37 6.43 -41.19 13.41
C SER A 37 5.81 -41.95 12.25
N GLU A 38 5.09 -41.23 11.39
CA GLU A 38 4.54 -41.87 10.19
C GLU A 38 5.65 -42.34 9.25
N GLY A 39 6.74 -41.59 9.19
CA GLY A 39 7.78 -41.90 8.22
C GLY A 39 8.64 -43.09 8.61
N THR A 40 8.81 -43.35 9.90
CA THR A 40 9.74 -44.37 10.36
C THR A 40 9.13 -45.39 11.30
N GLY A 41 7.97 -45.11 11.90
CA GLY A 41 7.43 -45.94 12.94
C GLY A 41 8.08 -45.75 14.30
N ASP A 42 9.01 -44.80 14.44
CA ASP A 42 9.71 -44.59 15.69
C ASP A 42 8.79 -43.97 16.75
N PRO A 43 8.93 -44.40 18.01
CA PRO A 43 8.20 -43.73 19.09
C PRO A 43 8.79 -42.36 19.37
N LEU A 44 7.91 -41.40 19.64
CA LEU A 44 8.32 -40.04 19.98
C LEU A 44 7.35 -39.50 21.02
N TRP A 45 7.78 -38.46 21.72
CA TRP A 45 6.96 -37.70 22.65
C TRP A 45 6.62 -36.35 22.03
N LEU A 46 5.43 -35.81 22.33
CA LEU A 46 5.00 -34.54 21.74
C LEU A 46 4.49 -33.57 22.80
N VAL A 47 5.05 -32.36 22.82
CA VAL A 47 4.68 -31.30 23.75
C VAL A 47 3.99 -30.18 22.97
N THR A 48 2.85 -29.72 23.49
CA THR A 48 2.05 -28.67 22.87
C THR A 48 1.75 -27.49 23.78
N ARG A 49 2.09 -27.55 25.06
CA ARG A 49 1.86 -26.44 25.99
C ARG A 49 3.10 -25.56 26.14
N TYR A 50 2.86 -24.24 26.11
CA TYR A 50 3.93 -23.27 26.29
C TYR A 50 4.76 -23.51 27.54
N ALA A 51 4.09 -23.71 28.69
CA ALA A 51 4.82 -23.84 29.94
C ALA A 51 5.68 -25.09 29.97
N THR A 52 5.18 -26.21 29.43
CA THR A 52 5.97 -27.43 29.34
C THR A 52 7.13 -27.26 28.37
N ALA A 53 6.90 -26.54 27.27
CA ALA A 53 7.95 -26.33 26.28
C ALA A 53 9.10 -25.51 26.82
N VAL A 54 8.80 -24.48 27.63
CA VAL A 54 9.86 -23.72 28.27
C VAL A 54 10.74 -24.65 29.11
N LYS A 55 10.11 -25.50 29.92
CA LYS A 55 10.87 -26.41 30.79
C LYS A 55 11.74 -27.35 29.96
N LEU A 56 11.18 -27.88 28.87
CA LEU A 56 11.92 -28.80 28.01
C LEU A 56 13.10 -28.13 27.33
N LEU A 57 12.87 -26.96 26.72
CA LEU A 57 13.90 -26.36 25.88
C LEU A 57 14.97 -25.64 26.68
N GLU A 58 14.77 -25.43 27.97
CA GLU A 58 15.79 -24.81 28.81
C GLU A 58 16.54 -25.81 29.67
N ASP A 59 16.26 -27.10 29.52
CA ASP A 59 16.87 -28.14 30.33
C ASP A 59 18.05 -28.72 29.55
N SER A 60 19.27 -28.49 30.06
CA SER A 60 20.48 -28.92 29.36
C SER A 60 20.58 -30.44 29.21
N ARG A 61 19.86 -31.20 30.04
CA ARG A 61 19.88 -32.66 29.95
C ARG A 61 19.17 -33.19 28.71
N PHE A 62 18.49 -32.33 27.96
CA PHE A 62 17.93 -32.67 26.66
C PHE A 62 18.86 -32.14 25.58
N SER A 63 19.28 -32.99 24.66
CA SER A 63 20.31 -32.67 23.69
C SER A 63 19.70 -32.59 22.30
N SER A 64 19.91 -31.47 21.61
CA SER A 64 19.45 -31.37 20.23
C SER A 64 20.30 -32.24 19.31
N GLU A 65 21.63 -32.17 19.48
CA GLU A 65 22.53 -32.88 18.57
C GLU A 65 22.33 -34.39 18.65
N ALA A 66 22.11 -34.91 19.86
CA ALA A 66 21.85 -36.33 20.02
C ALA A 66 20.62 -36.76 19.22
N ALA A 67 19.60 -35.90 19.13
CA ALA A 67 18.40 -36.23 18.37
C ALA A 67 18.58 -36.10 16.87
N GLN A 68 19.71 -35.53 16.41
CA GLN A 68 20.05 -35.47 14.98
C GLN A 68 20.91 -36.64 14.53
N ALA A 69 21.42 -37.44 15.44
CA ALA A 69 22.38 -38.49 15.08
C ALA A 69 21.69 -39.64 14.34
N SER A 70 22.46 -40.34 13.51
CA SER A 70 21.93 -41.50 12.81
CA SER A 70 21.94 -41.51 12.81
C SER A 70 21.46 -42.55 13.82
N GLY A 71 20.24 -43.05 13.62
CA GLY A 71 19.67 -44.00 14.55
C GLY A 71 18.80 -43.40 15.63
N ALA A 72 18.82 -42.08 15.80
CA ALA A 72 17.89 -41.47 16.74
C ALA A 72 16.46 -41.71 16.27
N PRO A 73 15.51 -41.93 17.18
CA PRO A 73 14.10 -41.91 16.77
C PRO A 73 13.77 -40.55 16.19
N ARG A 74 13.02 -40.55 15.09
CA ARG A 74 12.91 -39.31 14.32
C ARG A 74 11.58 -39.21 13.62
N GLN A 75 11.16 -37.96 13.41
CA GLN A 75 9.95 -37.67 12.66
C GLN A 75 10.17 -37.71 11.15
N GLU A 76 11.41 -37.43 10.69
CA GLU A 76 11.67 -37.32 9.25
C GLU A 76 11.86 -38.71 8.63
N PRO A 77 11.33 -38.93 7.43
CA PRO A 77 11.42 -40.27 6.83
C PRO A 77 12.81 -40.67 6.39
N VAL A 78 13.66 -39.73 5.96
CA VAL A 78 15.04 -40.01 5.61
C VAL A 78 15.94 -39.12 6.45
N GLU A 79 17.12 -39.62 6.78
CA GLU A 79 18.08 -38.84 7.55
C GLU A 79 18.48 -37.59 6.76
N LEU A 80 18.68 -36.50 7.48
CA LEU A 80 18.96 -35.21 6.87
C LEU A 80 20.47 -35.05 6.65
N ARG A 81 21.01 -35.99 5.90
CA ARG A 81 22.42 -36.00 5.60
C ARG A 81 22.64 -36.89 4.39
N ALA A 82 23.63 -36.53 3.58
CA ALA A 82 24.05 -37.40 2.49
C ALA A 82 24.68 -38.67 3.08
N PRO A 83 24.39 -39.84 2.52
CA PRO A 83 25.01 -41.07 3.04
C PRO A 83 26.52 -40.97 3.04
N GLY A 84 27.12 -41.38 4.15
CA GLY A 84 28.55 -41.31 4.29
C GLY A 84 29.08 -40.02 4.86
N THR A 85 28.23 -39.03 5.08
CA THR A 85 28.62 -37.77 5.69
C THR A 85 28.17 -37.74 7.13
N ARG A 86 28.78 -36.84 7.90
CA ARG A 86 28.46 -36.75 9.32
C ARG A 86 27.11 -36.08 9.56
N GLY A 87 26.74 -35.07 8.75
CA GLY A 87 25.55 -34.31 9.04
C GLY A 87 25.63 -33.67 10.41
N ASP A 88 26.66 -32.85 10.60
CA ASP A 88 27.03 -32.37 11.92
C ASP A 88 27.74 -31.03 11.75
N ALA A 89 27.09 -30.11 11.01
CA ALA A 89 27.80 -28.94 10.47
C ALA A 89 28.26 -27.99 11.58
N ILE A 90 27.37 -27.66 12.52
CA ILE A 90 27.74 -26.73 13.59
C ILE A 90 28.96 -27.27 14.36
N ALA A 91 28.97 -28.58 14.62
CA ALA A 91 30.06 -29.16 15.39
C ALA A 91 31.36 -29.21 14.59
N MET A 92 31.27 -29.48 13.29
CA MET A 92 32.48 -29.48 12.46
C MET A 92 33.10 -28.10 12.40
N LEU A 93 32.29 -27.04 12.35
CA LEU A 93 32.86 -25.69 12.41
C LEU A 93 33.48 -25.42 13.77
N ARG A 94 32.82 -25.85 14.84
CA ARG A 94 33.39 -25.68 16.18
C ARG A 94 34.70 -26.43 16.31
N GLU A 95 34.77 -27.65 15.75
CA GLU A 95 35.98 -28.46 15.87
C GLU A 95 37.16 -27.84 15.11
N ALA A 96 36.89 -27.14 14.01
CA ALA A 96 37.96 -26.50 13.27
C ALA A 96 38.44 -25.22 13.93
N GLY A 97 37.75 -24.75 14.97
CA GLY A 97 38.06 -23.47 15.58
C GLY A 97 37.19 -22.33 15.13
N LEU A 98 36.13 -22.60 14.36
CA LEU A 98 35.21 -21.58 13.88
C LEU A 98 34.02 -21.46 14.83
N ARG A 99 34.32 -21.25 16.10
CA ARG A 99 33.28 -21.31 17.13
C ARG A 99 32.19 -20.28 16.89
N SER A 100 32.54 -19.10 16.38
CA SER A 100 31.62 -17.98 16.34
C SER A 100 31.19 -17.51 14.95
N VAL A 101 31.78 -18.05 13.88
CA VAL A 101 31.60 -17.47 12.55
C VAL A 101 30.12 -17.40 12.16
N LEU A 102 29.31 -18.38 12.58
CA LEU A 102 27.88 -18.32 12.30
C LEU A 102 27.25 -17.10 12.95
N ALA A 103 27.44 -16.94 14.26
CA ALA A 103 26.89 -15.79 14.96
C ALA A 103 27.48 -14.48 14.46
N ASP A 104 28.74 -14.51 14.03
CA ASP A 104 29.38 -13.29 13.53
C ASP A 104 28.75 -12.83 12.22
N GLY A 105 28.47 -13.76 11.30
CA GLY A 105 27.88 -13.43 10.02
C GLY A 105 26.38 -13.23 9.99
N LEU A 106 25.69 -13.48 11.10
CA LEU A 106 24.24 -13.34 11.15
C LEU A 106 23.78 -12.37 12.24
N GLY A 107 24.71 -11.82 13.02
CA GLY A 107 24.36 -10.99 14.16
C GLY A 107 24.13 -9.53 13.79
N PRO A 108 24.08 -8.66 14.81
CA PRO A 108 23.66 -7.27 14.57
C PRO A 108 24.57 -6.51 13.63
N ARG A 109 25.89 -6.69 13.76
CA ARG A 109 26.81 -6.00 12.86
C ARG A 109 26.61 -6.43 11.41
N ALA A 110 26.42 -7.74 11.19
CA ALA A 110 26.18 -8.21 9.84
C ALA A 110 24.87 -7.66 9.28
N VAL A 111 23.82 -7.61 10.11
CA VAL A 111 22.55 -7.06 9.65
C VAL A 111 22.70 -5.58 9.32
N ARG A 112 23.52 -4.85 10.07
CA ARG A 112 23.77 -3.46 9.71
C ARG A 112 24.43 -3.33 8.35
N ARG A 113 25.21 -4.34 7.93
CA ARG A 113 25.83 -4.29 6.61
C ARG A 113 24.82 -4.58 5.49
N HIS A 114 23.84 -5.44 5.75
CA HIS A 114 22.95 -5.89 4.70
C HIS A 114 21.60 -5.19 4.70
N GLN A 115 21.23 -4.49 5.77
CA GLN A 115 19.85 -4.03 5.87
C GLN A 115 19.52 -2.99 4.81
N GLY A 116 20.51 -2.23 4.36
CA GLY A 116 20.24 -1.22 3.35
C GLY A 116 19.80 -1.83 2.03
N TRP A 117 20.62 -2.73 1.46
CA TRP A 117 20.25 -3.30 0.19
C TRP A 117 19.02 -4.17 0.30
N ILE A 118 18.80 -4.80 1.46
CA ILE A 118 17.61 -5.62 1.63
C ILE A 118 16.36 -4.74 1.59
N ASN A 119 16.39 -3.61 2.30
CA ASN A 119 15.23 -2.72 2.27
C ASN A 119 15.05 -2.07 0.90
N ASP A 120 16.16 -1.70 0.25
CA ASP A 120 16.05 -1.14 -1.10
C ASP A 120 15.49 -2.17 -2.07
N LEU A 121 15.87 -3.44 -1.92
CA LEU A 121 15.40 -4.46 -2.86
C LEU A 121 13.92 -4.78 -2.64
N ALA A 122 13.51 -4.92 -1.37
CA ALA A 122 12.08 -5.02 -1.08
C ALA A 122 11.32 -3.88 -1.73
N GLU A 123 11.83 -2.66 -1.62
CA GLU A 123 11.14 -1.51 -2.20
C GLU A 123 11.15 -1.57 -3.73
N THR A 124 12.29 -1.92 -4.33
CA THR A 124 12.35 -2.03 -5.78
C THR A 124 11.37 -3.07 -6.30
N LEU A 125 11.32 -4.23 -5.66
CA LEU A 125 10.42 -5.29 -6.12
C LEU A 125 8.96 -4.86 -6.00
N MET A 126 8.61 -4.21 -4.90
CA MET A 126 7.22 -3.80 -4.70
C MET A 126 6.87 -2.64 -5.62
N SER A 127 7.82 -1.73 -5.87
CA SER A 127 7.58 -0.65 -6.81
C SER A 127 7.31 -1.20 -8.20
N GLU A 128 8.03 -2.27 -8.59
CA GLU A 128 7.75 -2.91 -9.86
C GLU A 128 6.33 -3.48 -9.90
N LEU A 129 5.92 -4.15 -8.82
CA LEU A 129 4.56 -4.69 -8.77
C LEU A 129 3.52 -3.57 -8.84
N ALA A 130 3.81 -2.41 -8.24
CA ALA A 130 2.88 -1.29 -8.28
C ALA A 130 2.62 -0.79 -9.70
N SER A 131 3.51 -1.10 -10.65
CA SER A 131 3.32 -0.73 -12.04
C SER A 131 2.64 -1.81 -12.87
N ARG A 132 2.23 -2.92 -12.25
CA ARG A 132 1.67 -4.05 -12.98
C ARG A 132 0.15 -3.92 -13.13
N GLU A 133 -0.37 -4.63 -14.13
CA GLU A 133 -1.79 -4.69 -14.42
C GLU A 133 -2.36 -6.01 -13.90
N GLY A 134 -3.61 -5.98 -13.47
CA GLY A 134 -4.30 -7.21 -13.12
C GLY A 134 -3.62 -7.95 -11.99
N THR A 135 -3.52 -9.27 -12.16
CA THR A 135 -3.07 -10.17 -11.12
C THR A 135 -1.57 -10.41 -11.27
N PHE A 136 -0.84 -10.27 -10.16
CA PHE A 136 0.58 -10.60 -10.09
C PHE A 136 0.77 -11.59 -8.96
N ASP A 137 1.93 -12.26 -8.94
CA ASP A 137 2.19 -13.36 -8.02
C ASP A 137 3.25 -12.93 -7.03
N LEU A 138 2.86 -12.76 -5.76
CA LEU A 138 3.80 -12.31 -4.75
C LEU A 138 4.84 -13.36 -4.41
N ALA A 139 4.53 -14.63 -4.66
CA ALA A 139 5.52 -15.67 -4.39
C ALA A 139 6.64 -15.63 -5.43
N ALA A 140 6.27 -15.57 -6.71
CA ALA A 140 7.28 -15.69 -7.75
C ALA A 140 7.98 -14.37 -8.04
N ASP A 141 7.32 -13.24 -7.80
CA ASP A 141 7.85 -11.93 -8.19
C ASP A 141 8.13 -11.00 -7.01
N PHE A 142 7.98 -11.50 -5.78
CA PHE A 142 8.53 -10.78 -4.63
C PHE A 142 9.36 -11.71 -3.77
N VAL A 143 8.77 -12.80 -3.27
CA VAL A 143 9.48 -13.64 -2.31
C VAL A 143 10.66 -14.33 -2.98
N GLU A 144 10.45 -14.88 -4.17
CA GLU A 144 11.53 -15.59 -4.85
CA GLU A 144 11.53 -15.59 -4.86
C GLU A 144 12.75 -14.70 -5.12
N PRO A 145 12.63 -13.54 -5.78
CA PRO A 145 13.84 -12.71 -5.95
C PRO A 145 14.43 -12.19 -4.64
N LEU A 146 13.60 -11.89 -3.64
CA LEU A 146 14.15 -11.39 -2.39
C LEU A 146 14.92 -12.47 -1.65
N SER A 147 14.35 -13.67 -1.55
CA SER A 147 15.04 -14.75 -0.86
C SER A 147 16.26 -15.24 -1.65
N SER A 148 16.19 -15.19 -2.98
CA SER A 148 17.36 -15.53 -3.79
C SER A 148 18.51 -14.59 -3.52
N ALA A 149 18.23 -13.28 -3.42
CA ALA A 149 19.29 -12.31 -3.13
C ALA A 149 19.85 -12.53 -1.73
N LEU A 150 18.97 -12.79 -0.76
CA LEU A 150 19.43 -13.12 0.59
C LEU A 150 20.41 -14.28 0.58
N VAL A 151 20.03 -15.37 -0.09
CA VAL A 151 20.87 -16.57 -0.07
C VAL A 151 22.21 -16.28 -0.75
N SER A 152 22.18 -15.62 -1.90
CA SER A 152 23.43 -15.32 -2.60
C SER A 152 24.27 -14.32 -1.81
N ARG A 153 23.68 -13.22 -1.39
CA ARG A 153 24.48 -12.13 -0.85
C ARG A 153 24.90 -12.38 0.59
N THR A 154 24.06 -13.03 1.39
CA THR A 154 24.42 -13.25 2.80
C THR A 154 24.93 -14.65 3.12
N LEU A 155 24.61 -15.65 2.29
CA LEU A 155 24.91 -17.03 2.67
C LEU A 155 25.95 -17.70 1.78
N LEU A 156 25.67 -17.87 0.48
CA LEU A 156 26.43 -18.80 -0.35
C LEU A 156 27.39 -18.15 -1.33
N GLY A 157 27.13 -16.90 -1.73
CA GLY A 157 27.90 -16.29 -2.81
C GLY A 157 27.08 -16.21 -4.08
N GLU A 158 27.73 -15.71 -5.12
CA GLU A 158 27.04 -15.45 -6.37
C GLU A 158 26.69 -16.74 -7.10
N LEU A 159 25.53 -17.30 -6.79
CA LEU A 159 25.03 -18.48 -7.46
C LEU A 159 24.43 -18.11 -8.81
N SER A 160 24.50 -19.02 -9.77
CA SER A 160 23.75 -18.85 -10.99
C SER A 160 22.31 -19.35 -10.79
N ALA A 161 21.43 -18.97 -11.72
CA ALA A 161 20.04 -19.39 -11.61
C ALA A 161 19.89 -20.90 -11.68
N ASP A 162 20.76 -21.57 -12.46
CA ASP A 162 20.77 -23.03 -12.45
C ASP A 162 21.19 -23.56 -11.09
N GLU A 163 22.20 -22.94 -10.47
CA GLU A 163 22.64 -23.39 -9.16
C GLU A 163 21.57 -23.18 -8.10
N ARG A 164 20.94 -21.99 -8.11
CA ARG A 164 19.88 -21.70 -7.16
C ARG A 164 18.73 -22.70 -7.28
N ASP A 165 18.28 -22.95 -8.51
CA ASP A 165 17.19 -23.89 -8.73
C ASP A 165 17.56 -25.29 -8.27
N LEU A 166 18.81 -25.70 -8.51
CA LEU A 166 19.25 -27.01 -8.03
C LEU A 166 19.16 -27.10 -6.51
N LEU A 167 19.68 -26.09 -5.82
CA LEU A 167 19.71 -26.12 -4.36
C LEU A 167 18.30 -26.03 -3.79
N ALA A 168 17.43 -25.23 -4.42
CA ALA A 168 16.04 -25.13 -3.97
C ALA A 168 15.28 -26.44 -4.20
N HIS A 169 15.55 -27.12 -5.33
CA HIS A 169 14.95 -28.43 -5.55
C HIS A 169 15.44 -29.44 -4.53
N CYS A 170 16.75 -29.43 -4.24
CA CYS A 170 17.29 -30.34 -3.23
C CYS A 170 16.64 -30.11 -1.88
N ALA A 171 16.51 -28.84 -1.49
CA ALA A 171 15.92 -28.53 -0.20
C ALA A 171 14.46 -28.99 -0.13
N ASP A 172 13.69 -28.68 -1.17
CA ASP A 172 12.28 -29.07 -1.16
C ASP A 172 12.13 -30.59 -1.18
N THR A 173 12.98 -31.30 -1.93
CA THR A 173 12.82 -32.74 -2.05
C THR A 173 13.26 -33.46 -0.77
N GLY A 174 14.36 -33.03 -0.17
CA GLY A 174 14.86 -33.68 1.03
C GLY A 174 14.10 -33.30 2.30
N LEU A 175 13.68 -32.05 2.40
CA LEU A 175 13.01 -31.54 3.60
C LEU A 175 11.49 -31.67 3.47
N ARG A 176 11.04 -32.93 3.45
CA ARG A 176 9.66 -33.29 3.17
C ARG A 176 9.28 -34.53 3.97
N PHE A 177 8.03 -34.57 4.43
CA PHE A 177 7.50 -35.75 5.10
C PHE A 177 6.88 -36.75 4.13
N CSO A 178 6.50 -36.29 2.95
CA CSO A 178 5.85 -37.12 1.92
CB CSO A 178 4.43 -37.50 2.35
SG CSO A 178 3.52 -36.00 2.75
C CSO A 178 5.81 -36.43 0.56
O CSO A 178 6.27 -35.29 0.41
OD CSO A 178 2.76 -35.31 1.30
N GLY A 179 5.28 -37.13 -0.44
CA GLY A 179 5.12 -36.58 -1.77
C GLY A 179 6.27 -36.90 -2.72
N VAL A 180 7.24 -37.66 -2.20
CA VAL A 180 8.42 -38.06 -2.97
C VAL A 180 8.85 -39.43 -2.43
N THR A 181 9.58 -40.18 -3.26
CA THR A 181 10.07 -41.47 -2.82
C THR A 181 11.29 -41.33 -1.89
N HIS A 182 11.53 -42.40 -1.13
CA HIS A 182 12.68 -42.46 -0.23
C HIS A 182 13.98 -42.21 -0.98
N GLU A 183 14.14 -42.83 -2.14
CA GLU A 183 15.37 -42.68 -2.92
C GLU A 183 15.52 -41.25 -3.44
N GLU A 184 14.43 -40.64 -3.89
CA GLU A 184 14.47 -39.25 -4.32
C GLU A 184 14.99 -38.35 -3.21
N GLN A 185 14.59 -38.62 -1.97
CA GLN A 185 15.01 -37.77 -0.85
C GLN A 185 16.47 -37.98 -0.51
N VAL A 186 16.91 -39.24 -0.43
CA VAL A 186 18.32 -39.53 -0.18
C VAL A 186 19.17 -38.90 -1.27
N HIS A 187 18.72 -39.00 -2.53
CA HIS A 187 19.48 -38.44 -3.64
C HIS A 187 19.54 -36.92 -3.57
N ALA A 188 18.51 -36.27 -3.04
CA ALA A 188 18.58 -34.82 -2.89
C ALA A 188 19.73 -34.42 -1.97
N PHE A 189 19.89 -35.13 -0.85
CA PHE A 189 20.99 -34.81 0.05
C PHE A 189 22.35 -35.11 -0.59
N THR A 190 22.43 -36.19 -1.37
CA THR A 190 23.67 -36.49 -2.08
C THR A 190 24.00 -35.40 -3.08
N GLN A 191 23.02 -34.98 -3.89
CA GLN A 191 23.29 -33.95 -4.89
C GLN A 191 23.78 -32.66 -4.25
N MET A 192 23.15 -32.25 -3.15
CA MET A 192 23.54 -31.01 -2.51
C MET A 192 24.97 -31.09 -1.98
N HIS A 193 25.32 -32.20 -1.33
CA HIS A 193 26.66 -32.33 -0.79
C HIS A 193 27.70 -32.35 -1.90
N GLU A 194 27.42 -33.08 -2.98
CA GLU A 194 28.37 -33.15 -4.08
C GLU A 194 28.45 -31.83 -4.83
N PHE A 195 27.36 -31.06 -4.86
CA PHE A 195 27.45 -29.71 -5.40
C PHE A 195 28.45 -28.87 -4.61
N PHE A 196 28.42 -28.97 -3.28
CA PHE A 196 29.33 -28.14 -2.48
C PHE A 196 30.74 -28.71 -2.42
N LEU A 197 30.91 -30.02 -2.60
CA LEU A 197 32.27 -30.52 -2.79
C LEU A 197 32.88 -29.97 -4.07
N GLU A 198 32.06 -29.78 -5.10
CA GLU A 198 32.59 -29.29 -6.38
C GLU A 198 32.79 -27.78 -6.37
N HIS A 199 31.84 -27.02 -5.79
CA HIS A 199 31.78 -25.58 -6.03
C HIS A 199 31.93 -24.69 -4.80
N ALA A 200 32.01 -25.24 -3.58
CA ALA A 200 32.03 -24.38 -2.40
C ALA A 200 33.27 -23.47 -2.37
N ARG A 201 34.44 -24.02 -2.69
CA ARG A 201 35.65 -23.19 -2.73
C ARG A 201 35.50 -22.04 -3.72
N ARG A 202 34.95 -22.32 -4.90
CA ARG A 202 34.76 -21.27 -5.89
C ARG A 202 33.76 -20.23 -5.39
N LEU A 203 32.65 -20.69 -4.81
CA LEU A 203 31.63 -19.74 -4.34
C LEU A 203 32.18 -18.88 -3.21
N ALA A 204 32.96 -19.47 -2.31
CA ALA A 204 33.55 -18.70 -1.21
C ALA A 204 34.58 -17.70 -1.69
N GLY A 205 35.10 -17.87 -2.91
CA GLY A 205 36.07 -16.96 -3.46
C GLY A 205 35.50 -15.84 -4.30
N THR A 206 34.20 -15.89 -4.59
CA THR A 206 33.56 -14.78 -5.29
C THR A 206 33.44 -13.58 -4.36
N PRO A 207 33.49 -12.36 -4.88
CA PRO A 207 33.46 -11.18 -4.01
C PRO A 207 32.17 -11.11 -3.21
N GLY A 208 32.23 -10.39 -2.10
CA GLY A 208 31.10 -10.21 -1.21
C GLY A 208 31.48 -10.55 0.21
N GLU A 209 30.48 -10.57 1.08
CA GLU A 209 30.67 -10.89 2.48
C GLU A 209 29.81 -12.08 2.92
N HIS A 210 29.43 -12.94 1.97
CA HIS A 210 28.56 -14.06 2.29
C HIS A 210 29.22 -15.00 3.29
N LEU A 211 28.37 -15.72 4.03
CA LEU A 211 28.85 -16.52 5.16
C LEU A 211 29.82 -17.60 4.70
N LEU A 212 29.55 -18.22 3.54
CA LEU A 212 30.45 -19.26 3.04
C LEU A 212 31.87 -18.74 2.86
N LYS A 213 32.01 -17.49 2.44
CA LYS A 213 33.32 -16.87 2.34
C LYS A 213 33.92 -16.61 3.73
N LEU A 214 33.11 -16.09 4.65
CA LEU A 214 33.58 -15.87 6.02
C LEU A 214 34.09 -17.18 6.62
N ILE A 215 33.38 -18.28 6.35
CA ILE A 215 33.79 -19.57 6.89
C ILE A 215 35.09 -20.05 6.25
N ALA A 216 35.20 -19.94 4.92
CA ALA A 216 36.37 -20.44 4.22
C ALA A 216 37.62 -19.62 4.53
N GLU A 217 37.45 -18.33 4.86
CA GLU A 217 38.57 -17.43 5.07
C GLU A 217 38.91 -17.23 6.55
N ALA A 218 38.12 -17.83 7.43
CA ALA A 218 38.32 -17.68 8.86
C ALA A 218 39.56 -18.35 9.44
N PRO A 219 40.04 -17.81 10.55
CA PRO A 219 41.19 -18.37 11.24
C PRO A 219 40.83 -19.70 11.85
N VAL A 220 41.79 -20.60 11.93
CA VAL A 220 41.51 -21.91 12.49
C VAL A 220 42.51 -22.36 13.51
N ASP A 221 42.02 -23.09 14.51
CA ASP A 221 42.89 -23.71 15.48
C ASP A 221 43.39 -24.94 14.68
N GLN A 222 44.69 -25.13 14.69
CA GLN A 222 45.38 -26.19 13.92
C GLN A 222 45.20 -26.07 12.39
N GLY A 223 44.80 -27.17 11.76
CA GLY A 223 44.68 -27.25 10.30
C GLY A 223 43.59 -26.50 9.57
N PRO A 224 43.76 -26.35 8.26
CA PRO A 224 42.81 -25.65 7.39
C PRO A 224 41.47 -26.39 7.32
N LEU A 225 40.40 -25.64 7.08
CA LEU A 225 39.08 -26.24 7.07
C LEU A 225 38.97 -27.24 5.91
N SER A 226 38.54 -28.45 6.24
CA SER A 226 38.49 -29.50 5.23
C SER A 226 37.39 -29.23 4.22
N ASP A 227 37.54 -29.84 3.04
CA ASP A 227 36.55 -29.69 1.98
C ASP A 227 35.20 -30.28 2.39
N GLU A 228 35.23 -31.40 3.13
CA GLU A 228 33.99 -31.97 3.64
C GLU A 228 33.28 -31.02 4.58
N ALA A 229 34.04 -30.34 5.45
CA ALA A 229 33.44 -29.41 6.39
C ALA A 229 32.84 -28.20 5.68
N LEU A 230 33.55 -27.66 4.70
CA LEU A 230 33.01 -26.50 3.98
C LEU A 230 31.73 -26.89 3.23
N ALA A 231 31.68 -28.10 2.68
CA ALA A 231 30.49 -28.57 2.00
C ALA A 231 29.34 -28.78 2.98
N GLU A 232 29.65 -29.33 4.17
CA GLU A 232 28.64 -29.42 5.21
C GLU A 232 28.12 -28.05 5.61
N ALA A 233 28.98 -27.04 5.61
CA ALA A 233 28.52 -25.69 5.88
C ALA A 233 27.55 -25.20 4.80
N GLY A 234 27.87 -25.50 3.53
CA GLY A 234 26.96 -25.11 2.45
C GLY A 234 25.60 -25.75 2.60
N SER A 235 25.57 -27.05 2.89
CA SER A 235 24.31 -27.74 3.07
C SER A 235 23.52 -27.16 4.23
N LEU A 236 24.19 -26.92 5.36
CA LEU A 236 23.52 -26.30 6.51
C LEU A 236 22.88 -24.98 6.12
N LEU A 237 23.61 -24.13 5.39
CA LEU A 237 23.07 -22.81 5.06
C LEU A 237 21.86 -22.95 4.15
N VAL A 238 21.87 -23.92 3.25
CA VAL A 238 20.69 -24.17 2.40
C VAL A 238 19.50 -24.63 3.25
N VAL A 239 19.70 -25.70 4.03
CA VAL A 239 18.55 -26.27 4.74
C VAL A 239 18.03 -25.31 5.79
N ALA A 240 18.90 -24.54 6.43
CA ALA A 240 18.49 -23.67 7.52
C ALA A 240 18.01 -22.30 7.06
N GLY A 241 18.46 -21.85 5.89
CA GLY A 241 18.21 -20.48 5.50
C GLY A 241 17.27 -20.33 4.32
N PHE A 242 17.21 -21.33 3.46
CA PHE A 242 16.48 -21.16 2.19
C PHE A 242 14.98 -21.45 2.33
N PRO A 243 14.56 -22.68 2.68
CA PRO A 243 13.11 -22.94 2.73
C PRO A 243 12.45 -22.26 3.91
N THR A 244 13.20 -22.04 4.99
CA THR A 244 12.68 -21.29 6.12
C THR A 244 12.32 -19.87 5.72
N SER A 245 13.27 -19.16 5.10
CA SER A 245 13.02 -17.77 4.72
C SER A 245 11.94 -17.66 3.65
N SER A 246 12.03 -18.46 2.59
CA SER A 246 11.01 -18.40 1.54
C SER A 246 9.62 -18.78 2.08
N GLY A 247 9.55 -19.84 2.87
CA GLY A 247 8.26 -20.22 3.43
C GLY A 247 7.71 -19.16 4.36
N PHE A 248 8.55 -18.63 5.25
CA PHE A 248 8.01 -17.68 6.21
C PHE A 248 7.56 -16.40 5.52
N LEU A 249 8.34 -15.89 4.57
CA LEU A 249 7.96 -14.66 3.90
C LEU A 249 6.65 -14.83 3.14
N CYS A 250 6.46 -15.98 2.49
CA CYS A 250 5.19 -16.24 1.83
C CYS A 250 4.05 -16.26 2.83
N GLY A 251 4.26 -16.97 3.94
CA GLY A 251 3.23 -17.06 4.95
C GLY A 251 2.90 -15.73 5.58
N ALA A 252 3.93 -14.92 5.84
CA ALA A 252 3.71 -13.59 6.41
C ALA A 252 2.92 -12.69 5.47
N LEU A 253 3.22 -12.76 4.16
CA LEU A 253 2.42 -11.99 3.20
C LEU A 253 0.97 -12.39 3.27
N LEU A 254 0.68 -13.70 3.32
CA LEU A 254 -0.71 -14.15 3.40
C LEU A 254 -1.40 -13.62 4.65
N THR A 255 -0.72 -13.68 5.79
CA THR A 255 -1.28 -13.11 7.03
C THR A 255 -1.61 -11.64 6.83
N LEU A 256 -0.71 -10.87 6.23
CA LEU A 256 -0.96 -9.45 6.06
C LEU A 256 -2.14 -9.20 5.12
N LEU A 257 -2.22 -9.95 4.03
CA LEU A 257 -3.34 -9.77 3.10
C LEU A 257 -4.67 -10.13 3.73
N ARG A 258 -4.66 -11.04 4.70
CA ARG A 258 -5.91 -11.43 5.35
C ARG A 258 -6.30 -10.49 6.48
N HIS A 259 -5.49 -9.46 6.74
CA HIS A 259 -5.76 -8.52 7.83
C HIS A 259 -5.56 -7.10 7.35
N PRO A 260 -6.43 -6.63 6.44
CA PRO A 260 -6.29 -5.25 5.93
C PRO A 260 -6.35 -4.18 7.00
N ASP A 261 -7.16 -4.36 8.05
CA ASP A 261 -7.20 -3.37 9.12
C ASP A 261 -5.82 -3.22 9.76
N ALA A 262 -5.13 -4.34 9.99
CA ALA A 262 -3.79 -4.26 10.57
C ALA A 262 -2.82 -3.58 9.63
N VAL A 263 -2.94 -3.85 8.32
CA VAL A 263 -2.06 -3.21 7.34
C VAL A 263 -2.32 -1.70 7.30
N GLN A 264 -3.59 -1.29 7.33
CA GLN A 264 -3.89 0.14 7.35
C GLN A 264 -3.29 0.83 8.57
N GLU A 265 -3.30 0.15 9.72
CA GLU A 265 -2.67 0.70 10.91
C GLU A 265 -1.16 0.88 10.72
N LEU A 266 -0.49 -0.11 10.13
CA LEU A 266 0.95 0.00 9.89
C LEU A 266 1.27 1.07 8.85
N HIS A 267 0.38 1.28 7.88
CA HIS A 267 0.57 2.39 6.94
C HIS A 267 0.53 3.74 7.66
N ALA A 268 -0.37 3.89 8.64
CA ALA A 268 -0.48 5.14 9.39
C ALA A 268 0.57 5.27 10.47
N HIS A 269 1.11 4.16 10.97
CA HIS A 269 2.04 4.16 12.08
C HIS A 269 3.21 3.22 11.76
N PRO A 270 4.15 3.68 10.95
CA PRO A 270 5.30 2.82 10.61
C PRO A 270 6.14 2.42 11.80
N GLU A 271 6.11 3.19 12.89
CA GLU A 271 6.86 2.82 14.08
C GLU A 271 6.35 1.55 14.74
N ARG A 272 5.17 1.08 14.34
CA ARG A 272 4.59 -0.16 14.87
C ARG A 272 5.01 -1.38 14.07
N VAL A 273 5.75 -1.20 12.97
CA VAL A 273 6.18 -2.35 12.18
C VAL A 273 6.97 -3.38 12.97
N PRO A 274 7.96 -3.01 13.80
CA PRO A 274 8.69 -4.07 14.54
C PRO A 274 7.80 -4.95 15.41
N SER A 275 6.78 -4.39 16.06
CA SER A 275 5.86 -5.20 16.85
C SER A 275 5.05 -6.14 15.96
N ALA A 276 4.72 -5.68 14.75
CA ALA A 276 4.01 -6.53 13.80
C ALA A 276 4.88 -7.71 13.36
N VAL A 277 6.18 -7.47 13.16
CA VAL A 277 7.11 -8.55 12.83
C VAL A 277 7.07 -9.63 13.90
N GLU A 278 7.11 -9.22 15.18
CA GLU A 278 7.10 -10.19 16.27
C GLU A 278 5.78 -10.96 16.29
N GLU A 279 4.67 -10.28 16.05
CA GLU A 279 3.38 -10.97 16.03
C GLU A 279 3.27 -11.92 14.84
N LEU A 280 3.86 -11.57 13.70
CA LEU A 280 3.91 -12.50 12.57
C LEU A 280 4.67 -13.77 12.94
N LEU A 281 5.79 -13.63 13.66
CA LEU A 281 6.57 -14.79 14.07
C LEU A 281 5.80 -15.69 15.03
N ARG A 282 4.87 -15.13 15.81
CA ARG A 282 4.03 -15.94 16.67
C ARG A 282 2.87 -16.53 15.90
N TYR A 283 2.22 -15.73 15.06
CA TYR A 283 0.93 -16.10 14.50
C TYR A 283 1.07 -16.97 13.25
N THR A 284 2.04 -16.65 12.40
CA THR A 284 2.17 -17.32 11.09
C THR A 284 2.88 -18.67 11.26
N PRO A 285 2.25 -19.78 10.91
CA PRO A 285 2.90 -21.08 11.09
C PRO A 285 3.94 -21.32 10.02
N LEU A 286 4.97 -22.04 10.43
CA LEU A 286 6.05 -22.35 9.48
C LEU A 286 6.28 -23.84 9.38
N SER A 287 6.96 -24.43 10.37
CA SER A 287 7.23 -25.86 10.30
C SER A 287 5.93 -26.67 10.48
N THR A 288 5.82 -27.75 9.72
CA THR A 288 4.79 -28.78 9.91
C THR A 288 5.25 -29.88 10.84
N GLY A 289 6.50 -29.83 11.30
CA GLY A 289 6.99 -30.76 12.29
C GLY A 289 7.31 -30.02 13.58
N SER A 290 8.28 -30.53 14.34
CA SER A 290 8.58 -30.03 15.66
C SER A 290 10.08 -29.94 15.87
N VAL A 291 10.49 -28.97 16.70
CA VAL A 291 11.83 -29.05 17.25
C VAL A 291 11.90 -30.27 18.14
N LYS A 292 13.10 -30.82 18.33
CA LYS A 292 13.17 -32.05 19.09
C LYS A 292 14.51 -32.18 19.83
N ARG A 293 14.48 -32.95 20.91
CA ARG A 293 15.62 -33.08 21.81
C ARG A 293 15.61 -34.50 22.36
N MET A 294 16.80 -35.06 22.57
CA MET A 294 16.90 -36.40 23.14
C MET A 294 17.29 -36.33 24.61
N ALA A 295 16.62 -37.13 25.44
CA ALA A 295 17.01 -37.20 26.84
C ALA A 295 18.36 -37.90 26.95
N THR A 296 19.31 -37.25 27.62
CA THR A 296 20.65 -37.83 27.78
C THR A 296 20.77 -38.68 29.05
N GLU A 297 19.70 -38.78 29.83
CA GLU A 297 19.60 -39.54 31.06
C GLU A 297 18.12 -39.62 31.39
N ASP A 298 17.76 -40.58 32.24
CA ASP A 298 16.39 -40.68 32.71
C ASP A 298 16.02 -39.38 33.41
N LEU A 299 14.84 -38.85 33.11
CA LEU A 299 14.41 -37.60 33.72
C LEU A 299 12.90 -37.54 33.75
N GLU A 300 12.40 -36.46 34.35
CA GLU A 300 10.98 -36.20 34.47
C GLU A 300 10.71 -34.80 33.94
N ILE A 301 9.63 -34.65 33.19
CA ILE A 301 9.17 -33.33 32.77
C ILE A 301 7.66 -33.24 33.01
N ASP A 302 7.27 -32.29 33.86
CA ASP A 302 5.86 -32.14 34.29
C ASP A 302 5.27 -33.48 34.72
N GLY A 303 6.07 -34.28 35.42
CA GLY A 303 5.62 -35.55 35.95
C GLY A 303 5.76 -36.73 35.02
N VAL A 304 6.03 -36.51 33.74
CA VAL A 304 6.16 -37.59 32.76
C VAL A 304 7.61 -38.05 32.74
N ARG A 305 7.82 -39.34 32.98
CA ARG A 305 9.16 -39.90 32.99
C ARG A 305 9.62 -40.16 31.56
N ILE A 306 10.75 -39.56 31.18
CA ILE A 306 11.41 -39.79 29.90
C ILE A 306 12.65 -40.62 30.14
N LYS A 307 12.80 -41.70 29.38
CA LYS A 307 13.99 -42.54 29.51
C LYS A 307 15.11 -42.03 28.61
N ALA A 308 16.35 -42.28 29.03
CA ALA A 308 17.50 -41.92 28.23
C ALA A 308 17.37 -42.48 26.82
N GLY A 309 17.60 -41.61 25.82
CA GLY A 309 17.51 -41.98 24.43
C GLY A 309 16.18 -41.73 23.77
N GLU A 310 15.13 -41.43 24.53
CA GLU A 310 13.86 -41.09 23.95
C GLU A 310 13.87 -39.63 23.50
N VAL A 311 13.07 -39.33 22.47
CA VAL A 311 13.07 -38.01 21.84
C VAL A 311 11.75 -37.32 22.12
N VAL A 312 11.83 -36.08 22.59
CA VAL A 312 10.67 -35.24 22.88
C VAL A 312 10.62 -34.11 21.85
N MET A 313 9.47 -33.93 21.22
CA MET A 313 9.21 -32.89 20.24
C MET A 313 8.39 -31.78 20.88
N VAL A 314 8.60 -30.53 20.41
CA VAL A 314 7.75 -29.38 20.73
C VAL A 314 7.31 -28.78 19.42
N SER A 315 5.98 -28.68 19.22
CA SER A 315 5.44 -27.99 18.05
C SER A 315 5.45 -26.49 18.35
N LEU A 316 6.29 -25.74 17.65
CA LEU A 316 6.33 -24.31 17.90
C LEU A 316 4.98 -23.67 17.60
N GLU A 317 4.30 -24.17 16.56
CA GLU A 317 2.99 -23.65 16.21
C GLU A 317 2.00 -23.88 17.35
N ALA A 318 1.99 -25.09 17.92
CA ALA A 318 1.10 -25.38 19.04
C ALA A 318 1.37 -24.44 20.22
N VAL A 319 2.65 -24.22 20.55
CA VAL A 319 2.95 -23.39 21.71
C VAL A 319 2.63 -21.92 21.43
N ASN A 320 2.87 -21.47 20.19
CA ASN A 320 2.56 -20.09 19.82
C ASN A 320 1.05 -19.82 19.83
N HIS A 321 0.24 -20.87 19.79
CA HIS A 321 -1.21 -20.74 19.81
C HIS A 321 -1.83 -21.24 21.10
N ASP A 322 -1.04 -21.27 22.18
CA ASP A 322 -1.52 -21.77 23.46
C ASP A 322 -2.27 -20.66 24.18
N PRO A 323 -3.57 -20.83 24.46
CA PRO A 323 -4.32 -19.77 25.16
C PRO A 323 -3.91 -19.59 26.61
N ASP A 324 -3.15 -20.52 27.21
CA ASP A 324 -2.59 -20.28 28.53
C ASP A 324 -1.49 -19.24 28.50
N ALA A 325 -0.89 -18.98 27.35
CA ALA A 325 0.16 -17.98 27.20
C ALA A 325 -0.32 -16.72 26.48
N PHE A 326 -1.16 -16.88 25.46
CA PHE A 326 -1.58 -15.76 24.61
C PHE A 326 -3.09 -15.69 24.61
N GLU A 327 -3.64 -14.65 25.22
CA GLU A 327 -5.08 -14.46 25.18
C GLU A 327 -5.54 -14.23 23.75
N ASP A 328 -6.61 -14.90 23.35
CA ASP A 328 -7.09 -14.89 21.97
C ASP A 328 -5.95 -15.32 21.02
N PRO A 329 -5.41 -16.52 21.20
CA PRO A 329 -4.18 -16.88 20.48
C PRO A 329 -4.35 -16.95 18.97
N ASP A 330 -5.55 -17.15 18.48
CA ASP A 330 -5.75 -17.28 17.04
C ASP A 330 -6.12 -15.96 16.38
N VAL A 331 -5.94 -14.86 17.09
CA VAL A 331 -6.12 -13.52 16.53
C VAL A 331 -4.75 -12.95 16.22
N PHE A 332 -4.60 -12.40 15.02
CA PHE A 332 -3.41 -11.64 14.65
C PHE A 332 -3.55 -10.23 15.23
N ARG A 333 -2.73 -9.93 16.24
CA ARG A 333 -2.86 -8.68 17.01
C ARG A 333 -1.47 -8.09 17.17
N PRO A 334 -1.04 -7.24 16.21
CA PRO A 334 0.29 -6.62 16.33
C PRO A 334 0.53 -5.85 17.63
N GLY A 335 -0.50 -5.23 18.19
CA GLY A 335 -0.26 -4.55 19.45
C GLY A 335 -0.15 -5.44 20.67
N ARG A 336 -0.18 -6.76 20.48
CA ARG A 336 -0.18 -7.70 21.59
C ARG A 336 1.03 -7.48 22.48
N GLU A 337 0.81 -7.62 23.78
CA GLU A 337 1.92 -7.58 24.73
C GLU A 337 1.99 -8.86 25.55
N GLY A 338 2.19 -9.98 24.87
CA GLY A 338 2.25 -11.26 25.52
C GLY A 338 3.68 -11.67 25.80
N PRO A 339 3.86 -12.88 26.31
CA PRO A 339 5.21 -13.38 26.58
C PRO A 339 5.94 -13.67 25.27
N MET A 340 7.23 -13.99 25.40
CA MET A 340 8.06 -14.21 24.22
C MET A 340 7.50 -15.35 23.38
N HIS A 341 7.46 -15.14 22.06
CA HIS A 341 6.97 -16.17 21.15
C HIS A 341 8.05 -17.23 20.95
N PHE A 342 7.64 -18.35 20.32
CA PHE A 342 8.50 -19.49 20.03
C PHE A 342 8.85 -19.60 18.55
N GLY A 343 8.64 -18.54 17.75
CA GLY A 343 8.90 -18.64 16.30
C GLY A 343 10.34 -18.92 15.94
N PHE A 344 11.28 -18.53 16.80
CA PHE A 344 12.70 -18.81 16.63
C PHE A 344 13.20 -19.86 17.61
N GLY A 345 12.29 -20.56 18.30
CA GLY A 345 12.67 -21.52 19.32
C GLY A 345 12.90 -20.88 20.68
N ARG A 346 13.72 -21.52 21.52
CA ARG A 346 13.98 -21.05 22.86
C ARG A 346 15.24 -21.72 23.39
N GLY A 347 16.02 -20.97 24.15
CA GLY A 347 17.16 -21.55 24.83
C GLY A 347 18.39 -21.59 23.94
N ARG A 348 19.22 -22.61 24.19
CA ARG A 348 20.56 -22.69 23.58
C ARG A 348 20.52 -22.62 22.05
N HIS A 349 19.53 -23.25 21.42
CA HIS A 349 19.49 -23.36 19.96
C HIS A 349 18.61 -22.31 19.30
N PHE A 350 18.25 -21.25 20.04
CA PHE A 350 17.49 -20.14 19.48
C PHE A 350 18.10 -19.73 18.15
N CYS A 351 17.27 -19.55 17.13
CA CYS A 351 17.73 -19.34 15.77
C CYS A 351 18.90 -18.37 15.70
N PRO A 352 20.09 -18.80 15.30
CA PRO A 352 21.22 -17.85 15.18
C PRO A 352 21.04 -16.87 14.04
N GLY A 353 20.13 -17.14 13.11
CA GLY A 353 19.85 -16.19 12.04
C GLY A 353 18.70 -15.25 12.35
N ASN A 354 18.31 -15.16 13.63
CA ASN A 354 17.08 -14.45 13.99
C ASN A 354 17.14 -12.97 13.63
N ARG A 355 18.32 -12.34 13.75
CA ARG A 355 18.40 -10.93 13.43
C ARG A 355 18.28 -10.70 11.93
N LEU A 356 18.90 -11.58 11.12
CA LEU A 356 18.78 -11.46 9.67
C LEU A 356 17.36 -11.75 9.21
N ALA A 357 16.74 -12.80 9.74
CA ALA A 357 15.34 -13.06 9.43
C ALA A 357 14.45 -11.86 9.79
N ARG A 358 14.60 -11.34 11.02
CA ARG A 358 13.81 -10.17 11.41
C ARG A 358 14.03 -9.02 10.43
N CYS A 359 15.27 -8.85 9.96
CA CYS A 359 15.57 -7.79 9.00
C CYS A 359 14.74 -7.94 7.73
N VAL A 360 14.78 -9.13 7.13
CA VAL A 360 14.06 -9.33 5.86
C VAL A 360 12.55 -9.29 6.07
N ILE A 361 12.07 -9.81 7.21
CA ILE A 361 10.63 -9.76 7.49
C ILE A 361 10.19 -8.31 7.62
N GLU A 362 10.96 -7.51 8.35
CA GLU A 362 10.60 -6.10 8.51
C GLU A 362 10.58 -5.38 7.18
N ALA A 363 11.57 -5.62 6.33
CA ALA A 363 11.59 -4.96 5.02
C ALA A 363 10.36 -5.33 4.20
N THR A 364 9.91 -6.58 4.32
CA THR A 364 8.74 -7.04 3.60
C THR A 364 7.47 -6.38 4.14
N VAL A 365 7.33 -6.34 5.47
CA VAL A 365 6.18 -5.68 6.07
C VAL A 365 6.12 -4.20 5.68
N ARG A 366 7.27 -3.52 5.70
CA ARG A 366 7.26 -2.11 5.32
C ARG A 366 6.89 -1.93 3.86
N ALA A 367 7.38 -2.82 2.98
CA ALA A 367 7.04 -2.71 1.56
C ALA A 367 5.53 -2.83 1.35
N VAL A 368 4.88 -3.72 2.10
CA VAL A 368 3.44 -3.88 2.00
C VAL A 368 2.73 -2.68 2.63
N ALA A 369 3.16 -2.28 3.82
CA ALA A 369 2.45 -1.26 4.57
C ALA A 369 2.47 0.09 3.85
N ARG A 370 3.54 0.38 3.11
CA ARG A 370 3.62 1.65 2.40
C ARG A 370 2.70 1.74 1.19
N ARG A 371 2.06 0.64 0.79
CA ARG A 371 1.37 0.55 -0.50
C ARG A 371 -0.09 0.14 -0.34
N PRO A 372 -0.97 1.08 -0.02
CA PRO A 372 -2.39 0.74 0.17
C PRO A 372 -3.00 0.10 -1.06
N GLY A 373 -3.91 -0.84 -0.82
CA GLY A 373 -4.71 -1.46 -1.85
C GLY A 373 -4.32 -2.87 -2.23
N LEU A 374 -3.15 -3.35 -1.78
CA LEU A 374 -2.73 -4.69 -2.12
C LEU A 374 -3.67 -5.72 -1.47
N ARG A 375 -4.16 -6.67 -2.28
CA ARG A 375 -5.09 -7.67 -1.75
C ARG A 375 -4.87 -9.01 -2.44
N LEU A 376 -5.30 -10.06 -1.75
CA LEU A 376 -5.31 -11.38 -2.36
C LEU A 376 -6.34 -11.40 -3.49
N ALA A 377 -5.95 -11.96 -4.64
CA ALA A 377 -6.84 -11.98 -5.79
C ALA A 377 -7.88 -13.10 -5.70
N VAL A 378 -7.68 -14.08 -4.82
CA VAL A 378 -8.57 -15.22 -4.66
C VAL A 378 -8.80 -15.46 -3.17
N ALA A 379 -9.77 -16.31 -2.86
CA ALA A 379 -10.03 -16.62 -1.46
C ALA A 379 -8.86 -17.40 -0.86
N PRO A 380 -8.56 -17.20 0.43
CA PRO A 380 -7.43 -17.93 1.05
C PRO A 380 -7.54 -19.43 0.92
N GLU A 381 -8.75 -19.98 0.95
CA GLU A 381 -8.94 -21.42 0.77
C GLU A 381 -8.59 -21.90 -0.63
N GLU A 382 -8.42 -21.00 -1.60
CA GLU A 382 -8.06 -21.38 -2.95
C GLU A 382 -6.55 -21.35 -3.19
N ILE A 383 -5.76 -20.94 -2.20
CA ILE A 383 -4.31 -20.99 -2.33
C ILE A 383 -3.86 -22.44 -2.33
N SER A 384 -2.96 -22.79 -3.23
CA SER A 384 -2.42 -24.13 -3.32
C SER A 384 -1.12 -24.24 -2.53
N TRP A 385 -0.99 -25.31 -1.73
CA TRP A 385 0.14 -25.50 -0.83
C TRP A 385 0.99 -26.70 -1.25
N HIS A 386 2.31 -26.53 -1.22
CA HIS A 386 3.22 -27.65 -1.45
C HIS A 386 3.00 -28.68 -0.35
N GLU A 387 2.71 -29.91 -0.76
CA GLU A 387 2.24 -30.93 0.18
C GLU A 387 3.42 -31.61 0.87
N GLY A 388 3.49 -31.50 2.18
CA GLY A 388 4.45 -32.29 2.93
C GLY A 388 5.77 -31.64 3.25
N LEU A 389 6.02 -30.41 2.77
CA LEU A 389 7.26 -29.75 3.13
C LEU A 389 7.34 -29.61 4.65
N PHE A 390 8.56 -29.77 5.19
CA PHE A 390 8.81 -29.38 6.58
C PHE A 390 8.42 -27.93 6.82
N PHE A 391 8.70 -27.07 5.84
CA PHE A 391 8.48 -25.62 5.99
C PHE A 391 7.43 -25.18 4.97
N ARG A 392 6.23 -24.87 5.48
CA ARG A 392 5.07 -24.59 4.63
C ARG A 392 5.42 -23.55 3.57
N ARG A 393 4.88 -23.76 2.38
CA ARG A 393 5.01 -22.74 1.36
C ARG A 393 3.91 -22.88 0.33
N PRO A 394 3.24 -21.80 -0.02
CA PRO A 394 2.24 -21.85 -1.09
C PRO A 394 2.92 -21.86 -2.45
N ARG A 395 2.21 -22.43 -3.43
CA ARG A 395 2.73 -22.50 -4.79
C ARG A 395 2.74 -21.15 -5.47
N ALA A 396 1.78 -20.29 -5.11
CA ALA A 396 1.64 -18.97 -5.69
C ALA A 396 0.80 -18.14 -4.74
N ILE A 397 0.99 -16.82 -4.81
CA ILE A 397 0.18 -15.88 -4.04
C ILE A 397 -0.38 -14.85 -5.03
N PRO A 398 -1.48 -15.18 -5.70
CA PRO A 398 -2.08 -14.22 -6.65
C PRO A 398 -2.62 -12.99 -5.92
N ALA A 399 -2.30 -11.81 -6.43
CA ALA A 399 -2.61 -10.56 -5.74
C ALA A 399 -2.91 -9.48 -6.78
N THR A 400 -3.73 -8.50 -6.39
CA THR A 400 -4.01 -7.32 -7.21
C THR A 400 -3.92 -6.08 -6.34
N TRP A 401 -4.00 -4.93 -6.99
CA TRP A 401 -4.19 -3.66 -6.28
C TRP A 401 -5.68 -3.42 -6.05
N THR B 3 -23.59 50.43 -6.61
CA THR B 3 -23.78 49.65 -7.84
C THR B 3 -24.29 50.54 -8.96
N THR B 4 -23.81 50.31 -10.17
CA THR B 4 -24.29 50.99 -11.36
C THR B 4 -25.21 50.06 -12.16
N ALA B 5 -25.47 50.38 -13.42
CA ALA B 5 -26.32 49.52 -14.23
C ALA B 5 -25.57 48.35 -14.87
N THR B 6 -24.26 48.26 -14.67
CA THR B 6 -23.49 47.11 -15.14
C THR B 6 -23.38 46.09 -14.01
N LEU B 7 -23.57 44.82 -14.36
CA LEU B 7 -23.46 43.75 -13.37
C LEU B 7 -22.01 43.61 -12.93
N THR B 8 -21.80 43.49 -11.63
CA THR B 8 -20.49 43.11 -11.11
C THR B 8 -20.41 41.60 -10.94
N TYR B 9 -19.17 41.08 -11.01
CA TYR B 9 -18.94 39.64 -11.02
C TYR B 9 -17.97 39.26 -9.91
N PRO B 10 -18.18 38.11 -9.22
CA PRO B 10 -19.18 37.06 -9.42
C PRO B 10 -20.52 37.41 -8.82
N PHE B 11 -21.44 36.45 -8.78
CA PHE B 11 -22.82 36.71 -8.43
C PHE B 11 -23.20 36.27 -7.01
N HIS B 12 -22.21 35.98 -6.17
CA HIS B 12 -22.41 35.79 -4.73
C HIS B 12 -23.24 34.55 -4.40
N ASP B 13 -23.30 33.60 -5.33
CA ASP B 13 -24.09 32.38 -5.14
C ASP B 13 -23.21 31.29 -4.50
N TRP B 14 -22.93 31.47 -3.21
CA TRP B 14 -21.99 30.60 -2.52
C TRP B 14 -22.57 29.25 -2.14
N SER B 15 -23.88 29.07 -2.23
CA SER B 15 -24.53 27.81 -1.93
C SER B 15 -24.82 27.07 -3.22
N GLN B 16 -25.61 25.98 -3.15
CA GLN B 16 -25.93 25.24 -4.36
C GLN B 16 -27.00 25.91 -5.20
N GLU B 17 -27.68 26.93 -4.69
CA GLU B 17 -28.65 27.69 -5.48
C GLU B 17 -27.87 28.60 -6.42
N LEU B 18 -27.86 28.28 -7.71
CA LEU B 18 -27.15 29.08 -8.69
C LEU B 18 -27.83 30.44 -8.82
N SER B 19 -27.02 31.48 -9.02
CA SER B 19 -27.58 32.81 -9.14
C SER B 19 -28.59 32.84 -10.27
N PRO B 20 -29.81 33.34 -10.04
CA PRO B 20 -30.77 33.47 -11.14
C PRO B 20 -30.27 34.36 -12.26
N ARG B 21 -29.24 35.16 -12.01
CA ARG B 21 -28.71 36.03 -13.05
C ARG B 21 -28.16 35.25 -14.23
N TYR B 22 -27.65 34.03 -14.01
CA TYR B 22 -27.09 33.27 -15.12
C TYR B 22 -28.16 32.94 -16.15
N ALA B 23 -29.31 32.42 -15.70
CA ALA B 23 -30.38 32.12 -16.62
C ALA B 23 -30.95 33.39 -17.27
N GLN B 24 -31.00 34.49 -16.53
CA GLN B 24 -31.46 35.76 -17.08
C GLN B 24 -30.58 36.22 -18.22
N LEU B 25 -29.26 36.12 -18.05
CA LEU B 25 -28.35 36.51 -19.12
C LEU B 25 -28.44 35.53 -20.28
N ARG B 26 -28.55 34.24 -19.97
CA ARG B 26 -28.62 33.24 -21.03
C ARG B 26 -29.82 33.48 -21.93
N ALA B 27 -30.94 33.91 -21.35
CA ALA B 27 -32.18 34.11 -22.10
C ALA B 27 -32.30 35.49 -22.70
N SER B 28 -31.36 36.38 -22.41
CA SER B 28 -31.41 37.76 -22.90
C SER B 28 -31.09 37.80 -24.39
N ASP B 29 -31.07 39.01 -24.94
CA ASP B 29 -30.77 39.23 -26.35
C ASP B 29 -29.30 39.43 -26.61
N ALA B 30 -28.45 39.34 -25.60
CA ALA B 30 -27.01 39.51 -25.77
C ALA B 30 -26.33 38.15 -25.71
N PRO B 31 -25.59 37.76 -26.75
CA PRO B 31 -24.88 36.47 -26.70
C PRO B 31 -23.65 36.49 -25.82
N VAL B 32 -23.10 37.66 -25.52
CA VAL B 32 -22.00 37.82 -24.59
C VAL B 32 -22.31 39.11 -23.82
N CYS B 33 -22.17 39.05 -22.51
CA CYS B 33 -22.58 40.16 -21.66
CA CYS B 33 -22.58 40.19 -21.68
C CYS B 33 -21.37 40.84 -21.04
N PRO B 34 -21.28 42.17 -21.09
CA PRO B 34 -20.16 42.85 -20.41
C PRO B 34 -20.45 42.97 -18.93
N VAL B 35 -19.46 42.62 -18.10
CA VAL B 35 -19.57 42.75 -16.65
C VAL B 35 -18.30 43.41 -16.13
N VAL B 36 -18.32 43.74 -14.85
CA VAL B 36 -17.17 44.33 -14.18
C VAL B 36 -16.78 43.46 -13.00
N SER B 37 -15.50 43.13 -12.90
CA SER B 37 -15.00 42.38 -11.75
C SER B 37 -15.22 43.18 -10.47
N GLU B 38 -15.91 42.57 -9.50
CA GLU B 38 -16.08 43.24 -8.21
C GLU B 38 -14.73 43.43 -7.51
N GLY B 39 -13.82 42.48 -7.66
CA GLY B 39 -12.59 42.52 -6.89
C GLY B 39 -11.53 43.46 -7.43
N THR B 40 -11.58 43.77 -8.73
CA THR B 40 -10.57 44.58 -9.38
C THR B 40 -11.12 45.78 -10.15
N GLY B 41 -12.41 45.81 -10.46
CA GLY B 41 -12.95 46.76 -11.40
C GLY B 41 -12.63 46.50 -12.86
N ASP B 42 -11.98 45.38 -13.17
CA ASP B 42 -11.61 45.12 -14.55
C ASP B 42 -12.85 44.80 -15.38
N PRO B 43 -12.91 45.25 -16.62
CA PRO B 43 -13.99 44.83 -17.52
C PRO B 43 -13.77 43.38 -17.92
N LEU B 44 -14.88 42.66 -18.08
CA LEU B 44 -14.85 41.26 -18.49
C LEU B 44 -16.09 40.96 -19.32
N TRP B 45 -16.01 39.92 -20.13
CA TRP B 45 -17.15 39.41 -20.88
C TRP B 45 -17.61 38.11 -20.25
N LEU B 46 -18.92 37.85 -20.29
CA LEU B 46 -19.47 36.64 -19.69
C LEU B 46 -20.38 35.92 -20.67
N VAL B 47 -20.09 34.63 -20.89
CA VAL B 47 -20.88 33.73 -21.74
C VAL B 47 -21.57 32.69 -20.87
N THR B 48 -22.85 32.45 -21.14
CA THR B 48 -23.67 31.53 -20.37
C THR B 48 -24.35 30.47 -21.22
N ARG B 49 -24.20 30.50 -22.55
CA ARG B 49 -24.84 29.55 -23.44
C ARG B 49 -23.91 28.41 -23.82
N TYR B 50 -24.45 27.19 -23.80
CA TYR B 50 -23.68 25.99 -24.15
C TYR B 50 -23.04 26.12 -25.53
N ALA B 51 -23.83 26.48 -26.54
CA ALA B 51 -23.32 26.47 -27.91
C ALA B 51 -22.23 27.52 -28.11
N THR B 52 -22.38 28.69 -27.50
CA THR B 52 -21.32 29.70 -27.56
C THR B 52 -20.06 29.22 -26.86
N ALA B 53 -20.22 28.59 -25.69
CA ALA B 53 -19.07 28.11 -24.92
C ALA B 53 -18.29 27.06 -25.67
N VAL B 54 -18.98 26.15 -26.38
CA VAL B 54 -18.31 25.15 -27.21
C VAL B 54 -17.36 25.84 -28.19
N LYS B 55 -17.89 26.80 -28.96
CA LYS B 55 -17.07 27.47 -29.96
C LYS B 55 -15.94 28.25 -29.30
N LEU B 56 -16.23 28.91 -28.19
CA LEU B 56 -15.23 29.74 -27.52
C LEU B 56 -14.05 28.92 -27.05
N LEU B 57 -14.31 27.83 -26.33
CA LEU B 57 -13.24 27.05 -25.72
C LEU B 57 -12.48 26.19 -26.72
N GLU B 58 -12.96 26.08 -27.95
CA GLU B 58 -12.24 25.42 -29.04
C GLU B 58 -11.67 26.42 -30.03
N ASP B 59 -11.90 27.71 -29.83
CA ASP B 59 -11.53 28.75 -30.77
C ASP B 59 -10.04 29.05 -30.65
N SER B 60 -9.34 29.00 -31.78
CA SER B 60 -7.90 29.26 -31.79
C SER B 60 -7.56 30.69 -31.41
N ARG B 61 -8.49 31.62 -31.56
CA ARG B 61 -8.21 33.03 -31.31
C ARG B 61 -8.28 33.40 -29.83
N PHE B 62 -8.31 32.42 -28.93
CA PHE B 62 -8.37 32.66 -27.50
C PHE B 62 -7.27 31.89 -26.79
N SER B 63 -6.79 32.43 -25.68
CA SER B 63 -5.65 31.87 -24.94
C SER B 63 -5.96 31.87 -23.45
N SER B 64 -5.93 30.68 -22.83
CA SER B 64 -6.10 30.59 -21.38
C SER B 64 -4.90 31.16 -20.64
N GLU B 65 -3.69 30.85 -21.08
CA GLU B 65 -2.52 31.26 -20.34
C GLU B 65 -2.37 32.78 -20.34
N ALA B 66 -2.73 33.44 -21.44
CA ALA B 66 -2.67 34.89 -21.46
C ALA B 66 -3.64 35.51 -20.43
N ALA B 67 -4.77 34.84 -20.17
CA ALA B 67 -5.69 35.35 -19.15
C ALA B 67 -5.21 35.09 -17.73
N GLN B 68 -4.17 34.27 -17.56
CA GLN B 68 -3.57 34.01 -16.27
C GLN B 68 -2.40 34.94 -15.95
N ALA B 69 -1.95 35.73 -16.92
CA ALA B 69 -0.73 36.51 -16.75
C ALA B 69 -0.97 37.70 -15.83
N SER B 70 0.09 38.12 -15.14
CA SER B 70 0.03 39.34 -14.34
C SER B 70 -0.42 40.51 -15.21
N GLY B 71 -1.42 41.25 -14.72
CA GLY B 71 -1.94 42.40 -15.42
C GLY B 71 -3.11 42.13 -16.33
N ALA B 72 -3.43 40.87 -16.61
CA ALA B 72 -4.61 40.57 -17.42
C ALA B 72 -5.86 41.02 -16.66
N PRO B 73 -6.88 41.48 -17.36
CA PRO B 73 -8.17 41.70 -16.70
C PRO B 73 -8.66 40.42 -16.03
N ARG B 74 -9.15 40.54 -14.79
CA ARG B 74 -9.37 39.32 -14.02
C ARG B 74 -10.57 39.44 -13.08
N GLN B 75 -11.14 38.27 -12.77
CA GLN B 75 -12.24 38.16 -11.82
C GLN B 75 -11.75 38.04 -10.38
N GLU B 76 -10.53 37.50 -10.16
CA GLU B 76 -9.99 37.25 -8.83
C GLU B 76 -9.40 38.52 -8.23
N PRO B 77 -9.59 38.75 -6.92
CA PRO B 77 -9.09 40.00 -6.32
C PRO B 77 -7.58 40.07 -6.22
N VAL B 78 -6.90 38.96 -5.97
CA VAL B 78 -5.43 38.93 -5.95
C VAL B 78 -4.93 37.92 -6.97
N GLU B 79 -3.78 38.23 -7.56
CA GLU B 79 -3.13 37.30 -8.49
C GLU B 79 -2.91 35.96 -7.80
N LEU B 80 -3.12 34.88 -8.57
CA LEU B 80 -3.02 33.52 -8.07
C LEU B 80 -1.57 33.03 -8.12
N ARG B 81 -0.71 33.76 -7.44
CA ARG B 81 0.71 33.41 -7.43
C ARG B 81 1.36 34.17 -6.28
N ALA B 82 2.47 33.64 -5.81
CA ALA B 82 3.29 34.40 -4.89
C ALA B 82 3.98 35.51 -5.69
N PRO B 83 3.95 36.76 -5.22
CA PRO B 83 4.56 37.85 -6.01
C PRO B 83 6.05 37.61 -6.23
N GLY B 84 6.52 37.95 -7.43
CA GLY B 84 7.88 37.65 -7.83
C GLY B 84 8.07 36.26 -8.42
N THR B 85 7.12 35.35 -8.24
CA THR B 85 7.17 34.06 -8.91
C THR B 85 6.40 34.13 -10.22
N ARG B 86 6.68 33.15 -11.08
CA ARG B 86 6.04 33.14 -12.39
C ARG B 86 4.55 32.80 -12.31
N GLY B 87 4.17 31.83 -11.49
CA GLY B 87 2.79 31.34 -11.47
C GLY B 87 2.43 30.79 -12.83
N ASP B 88 3.12 29.74 -13.24
CA ASP B 88 3.06 29.28 -14.62
C ASP B 88 3.45 27.80 -14.66
N ALA B 89 2.83 26.99 -13.80
CA ALA B 89 3.36 25.66 -13.49
C ALA B 89 3.39 24.76 -14.70
N ILE B 90 2.28 24.67 -15.43
CA ILE B 90 2.21 23.78 -16.59
C ILE B 90 3.32 24.11 -17.58
N ALA B 91 3.53 25.39 -17.85
CA ALA B 91 4.56 25.80 -18.79
C ALA B 91 5.95 25.47 -18.26
N MET B 92 6.16 25.62 -16.95
CA MET B 92 7.48 25.34 -16.39
C MET B 92 7.82 23.86 -16.50
N LEU B 93 6.82 22.99 -16.32
CA LEU B 93 7.03 21.57 -16.55
C LEU B 93 7.34 21.27 -18.01
N ARG B 94 6.58 21.89 -18.92
CA ARG B 94 6.81 21.69 -20.36
C ARG B 94 8.21 22.16 -20.76
N GLU B 95 8.63 23.32 -20.25
CA GLU B 95 9.96 23.84 -20.58
C GLU B 95 11.07 22.91 -20.14
N ALA B 96 10.88 22.20 -19.03
CA ALA B 96 11.87 21.26 -18.54
C ALA B 96 11.88 19.96 -19.31
N GLY B 97 10.94 19.77 -20.23
CA GLY B 97 10.80 18.52 -20.94
C GLY B 97 9.76 17.57 -20.39
N LEU B 98 8.98 17.99 -19.39
CA LEU B 98 7.96 17.15 -18.77
C LEU B 98 6.58 17.43 -19.33
N ARG B 99 6.50 17.58 -20.66
CA ARG B 99 5.25 17.98 -21.31
C ARG B 99 4.10 17.05 -20.98
N SER B 100 4.37 15.77 -20.70
CA SER B 100 3.30 14.79 -20.53
C SER B 100 3.21 14.21 -19.13
N VAL B 101 4.05 14.65 -18.18
CA VAL B 101 4.12 13.94 -16.90
C VAL B 101 2.81 14.05 -16.13
N LEU B 102 2.14 15.20 -16.21
CA LEU B 102 0.86 15.36 -15.53
C LEU B 102 -0.16 14.34 -16.04
N ALA B 103 -0.44 14.37 -17.34
CA ALA B 103 -1.39 13.43 -17.91
C ALA B 103 -0.92 12.00 -17.74
N ASP B 104 0.37 11.75 -17.93
CA ASP B 104 0.92 10.41 -17.71
C ASP B 104 0.68 9.95 -16.28
N GLY B 105 0.81 10.87 -15.31
CA GLY B 105 0.64 10.50 -13.92
C GLY B 105 -0.79 10.42 -13.43
N LEU B 106 -1.73 11.00 -14.18
CA LEU B 106 -3.15 10.98 -13.85
C LEU B 106 -3.96 10.15 -14.84
N GLY B 107 -3.29 9.32 -15.64
CA GLY B 107 -3.94 8.66 -16.74
C GLY B 107 -4.63 7.37 -16.35
N PRO B 108 -5.11 6.63 -17.35
CA PRO B 108 -5.85 5.40 -17.05
C PRO B 108 -5.05 4.38 -16.24
N ARG B 109 -3.74 4.28 -16.47
CA ARG B 109 -2.98 3.32 -15.68
C ARG B 109 -2.87 3.72 -14.22
N ALA B 110 -2.83 5.02 -13.94
CA ALA B 110 -2.81 5.48 -12.54
C ALA B 110 -4.12 5.19 -11.83
N VAL B 111 -5.25 5.36 -12.54
CA VAL B 111 -6.53 5.00 -11.93
C VAL B 111 -6.59 3.50 -11.62
N ARG B 112 -6.04 2.68 -12.52
CA ARG B 112 -6.04 1.25 -12.26
C ARG B 112 -5.21 0.91 -11.01
N ARG B 113 -4.16 1.69 -10.74
CA ARG B 113 -3.38 1.45 -9.52
C ARG B 113 -4.14 1.87 -8.27
N HIS B 114 -4.80 3.03 -8.31
CA HIS B 114 -5.32 3.64 -7.10
C HIS B 114 -6.78 3.32 -6.81
N GLN B 115 -7.53 2.82 -7.80
CA GLN B 115 -8.97 2.66 -7.62
C GLN B 115 -9.30 1.70 -6.49
N GLY B 116 -8.51 0.64 -6.30
CA GLY B 116 -8.78 -0.31 -5.25
C GLY B 116 -8.78 0.30 -3.86
N TRP B 117 -7.68 0.94 -3.46
CA TRP B 117 -7.66 1.54 -2.14
C TRP B 117 -8.62 2.72 -2.02
N ILE B 118 -8.88 3.41 -3.13
CA ILE B 118 -9.84 4.51 -3.08
C ILE B 118 -11.22 3.98 -2.73
N ASN B 119 -11.64 2.88 -3.39
CA ASN B 119 -12.91 2.28 -3.05
C ASN B 119 -12.92 1.63 -1.67
N ASP B 120 -11.82 0.97 -1.28
CA ASP B 120 -11.72 0.44 0.08
C ASP B 120 -11.93 1.55 1.12
N LEU B 121 -11.31 2.71 0.89
CA LEU B 121 -11.34 3.76 1.90
C LEU B 121 -12.72 4.41 1.98
N ALA B 122 -13.36 4.65 0.84
CA ALA B 122 -14.74 5.10 0.87
C ALA B 122 -15.60 4.13 1.65
N GLU B 123 -15.40 2.83 1.43
CA GLU B 123 -16.20 1.85 2.15
C GLU B 123 -15.89 1.85 3.64
N THR B 124 -14.61 1.92 4.01
CA THR B 124 -14.23 1.90 5.41
C THR B 124 -14.81 3.10 6.14
N LEU B 125 -14.67 4.29 5.56
CA LEU B 125 -15.19 5.51 6.17
C LEU B 125 -16.70 5.44 6.34
N MET B 126 -17.42 5.07 5.27
CA MET B 126 -18.88 4.99 5.36
C MET B 126 -19.32 3.90 6.34
N SER B 127 -18.65 2.73 6.31
CA SER B 127 -19.05 1.63 7.19
C SER B 127 -18.92 2.00 8.67
N GLU B 128 -17.86 2.74 9.01
CA GLU B 128 -17.69 3.14 10.41
C GLU B 128 -18.71 4.22 10.80
N LEU B 129 -19.03 5.12 9.88
CA LEU B 129 -20.08 6.10 10.17
C LEU B 129 -21.42 5.42 10.37
N ALA B 130 -21.66 4.32 9.65
CA ALA B 130 -22.91 3.59 9.78
C ALA B 130 -22.96 2.80 11.07
N SER B 131 -21.83 2.62 11.75
CA SER B 131 -21.73 1.85 12.98
C SER B 131 -22.05 2.69 14.22
N ARG B 132 -22.09 4.00 14.10
CA ARG B 132 -22.39 4.84 15.25
C ARG B 132 -23.88 5.11 15.35
N GLU B 133 -24.30 5.56 16.52
CA GLU B 133 -25.65 6.01 16.76
C GLU B 133 -25.67 7.53 16.62
N GLY B 134 -26.72 8.06 16.00
CA GLY B 134 -26.86 9.49 15.88
C GLY B 134 -26.16 10.08 14.67
N THR B 135 -25.91 11.37 14.76
CA THR B 135 -25.48 12.15 13.61
C THR B 135 -23.97 12.17 13.47
N PHE B 136 -23.52 12.60 12.30
CA PHE B 136 -22.11 12.79 11.99
C PHE B 136 -22.02 13.83 10.89
N ASP B 137 -20.79 14.23 10.58
CA ASP B 137 -20.53 15.30 9.61
C ASP B 137 -19.85 14.69 8.39
N LEU B 138 -20.62 14.55 7.30
CA LEU B 138 -20.08 13.95 6.08
C LEU B 138 -18.93 14.77 5.50
N ALA B 139 -18.85 16.06 5.82
CA ALA B 139 -17.74 16.85 5.32
C ALA B 139 -16.46 16.52 6.06
N ALA B 140 -16.51 16.56 7.40
CA ALA B 140 -15.32 16.33 8.22
C ALA B 140 -14.99 14.85 8.38
N ASP B 141 -16.01 13.98 8.38
CA ASP B 141 -15.81 12.57 8.71
C ASP B 141 -15.75 11.67 7.48
N PHE B 142 -16.06 12.20 6.30
CA PHE B 142 -15.94 11.42 5.07
C PHE B 142 -15.08 12.15 4.04
N VAL B 143 -15.56 13.30 3.57
CA VAL B 143 -14.83 14.04 2.54
C VAL B 143 -13.40 14.40 2.92
N GLU B 144 -13.19 14.90 4.13
CA GLU B 144 -11.85 15.29 4.52
C GLU B 144 -10.85 14.13 4.49
N PRO B 145 -11.14 13.02 5.15
CA PRO B 145 -10.19 11.90 5.13
C PRO B 145 -10.00 11.33 3.72
N LEU B 146 -11.07 11.23 2.95
CA LEU B 146 -10.96 10.68 1.60
C LEU B 146 -10.16 11.60 0.71
N SER B 147 -10.51 12.88 0.69
CA SER B 147 -9.76 13.79 -0.16
C SER B 147 -8.32 13.95 0.32
N SER B 148 -8.10 13.93 1.64
CA SER B 148 -6.73 14.00 2.17
C SER B 148 -5.90 12.82 1.70
N ALA B 149 -6.46 11.61 1.72
CA ALA B 149 -5.71 10.45 1.22
C ALA B 149 -5.45 10.57 -0.27
N LEU B 150 -6.42 11.08 -1.02
CA LEU B 150 -6.21 11.28 -2.46
C LEU B 150 -5.02 12.20 -2.70
N VAL B 151 -5.00 13.34 -2.02
CA VAL B 151 -3.93 14.31 -2.20
C VAL B 151 -2.58 13.71 -1.82
N SER B 152 -2.52 13.07 -0.65
CA SER B 152 -1.25 12.49 -0.19
C SER B 152 -0.78 11.37 -1.12
N ARG B 153 -1.66 10.43 -1.42
CA ARG B 153 -1.21 9.20 -2.09
C ARG B 153 -1.00 9.40 -3.58
N THR B 154 -1.80 10.26 -4.22
CA THR B 154 -1.70 10.40 -5.67
C THR B 154 -1.02 11.68 -6.13
N LEU B 155 -0.96 12.73 -5.30
CA LEU B 155 -0.45 14.02 -5.72
C LEU B 155 0.86 14.42 -5.05
N LEU B 156 0.88 14.57 -3.73
CA LEU B 156 2.01 15.24 -3.08
C LEU B 156 2.95 14.30 -2.35
N GLY B 157 2.48 13.15 -1.88
CA GLY B 157 3.26 12.32 -0.97
C GLY B 157 2.68 12.36 0.43
N GLU B 158 3.27 11.52 1.29
CA GLU B 158 2.79 11.36 2.66
C GLU B 158 2.79 12.69 3.41
N LEU B 159 1.62 13.26 3.65
CA LEU B 159 1.48 14.49 4.41
C LEU B 159 1.15 14.14 5.85
N SER B 160 1.69 14.93 6.78
CA SER B 160 1.25 14.86 8.16
C SER B 160 -0.06 15.62 8.30
N ALA B 161 -0.76 15.37 9.41
CA ALA B 161 -2.02 16.07 9.64
C ALA B 161 -1.83 17.57 9.61
N ASP B 162 -0.75 18.03 10.24
CA ASP B 162 -0.45 19.45 10.30
C ASP B 162 -0.15 20.04 8.94
N GLU B 163 0.46 19.24 8.07
CA GLU B 163 0.78 19.70 6.74
C GLU B 163 -0.47 19.79 5.89
N ARG B 164 -1.30 18.75 5.96
CA ARG B 164 -2.54 18.73 5.22
C ARG B 164 -3.39 19.94 5.58
N ASP B 165 -3.53 20.20 6.88
CA ASP B 165 -4.30 21.34 7.34
C ASP B 165 -3.77 22.67 6.80
N LEU B 166 -2.46 22.85 6.82
CA LEU B 166 -1.84 24.09 6.37
C LEU B 166 -2.10 24.33 4.89
N LEU B 167 -1.89 23.30 4.06
CA LEU B 167 -2.14 23.44 2.63
C LEU B 167 -3.61 23.74 2.34
N ALA B 168 -4.52 23.07 3.05
CA ALA B 168 -5.94 23.31 2.83
C ALA B 168 -6.33 24.73 3.23
N HIS B 169 -5.73 25.24 4.31
CA HIS B 169 -6.02 26.60 4.75
C HIS B 169 -5.51 27.64 3.76
N CYS B 170 -4.29 27.45 3.25
CA CYS B 170 -3.78 28.33 2.20
C CYS B 170 -4.69 28.32 0.97
N ALA B 171 -5.21 27.15 0.59
CA ALA B 171 -6.11 27.07 -0.55
C ALA B 171 -7.40 27.84 -0.29
N ASP B 172 -7.98 27.69 0.90
CA ASP B 172 -9.25 28.35 1.19
C ASP B 172 -9.08 29.86 1.33
N THR B 173 -7.89 30.31 1.72
CA THR B 173 -7.67 31.74 1.91
C THR B 173 -7.34 32.44 0.61
N GLY B 174 -6.45 31.86 -0.21
CA GLY B 174 -6.11 32.48 -1.47
C GLY B 174 -7.15 32.34 -2.56
N LEU B 175 -7.86 31.21 -2.59
CA LEU B 175 -8.84 30.94 -3.65
C LEU B 175 -10.23 31.41 -3.22
N ARG B 176 -10.34 32.72 -3.03
CA ARG B 176 -11.53 33.34 -2.46
C ARG B 176 -11.79 34.66 -3.19
N PHE B 177 -13.07 34.98 -3.36
CA PHE B 177 -13.49 36.24 -3.97
C PHE B 177 -13.60 37.34 -2.93
N CSO B 178 -13.86 36.94 -1.69
CA CSO B 178 -14.05 37.89 -0.60
CB CSO B 178 -15.36 38.66 -0.76
SG CSO B 178 -16.72 37.50 -1.08
C CSO B 178 -14.03 37.18 0.75
O CSO B 178 -13.86 35.97 0.84
OD CSO B 178 -17.30 36.78 0.45
N GLY B 179 -14.19 37.96 1.82
CA GLY B 179 -14.24 37.38 3.15
C GLY B 179 -12.91 37.35 3.85
N VAL B 180 -11.85 37.73 3.13
CA VAL B 180 -10.51 37.83 3.69
C VAL B 180 -9.85 39.10 3.19
N THR B 181 -8.87 39.58 3.95
CA THR B 181 -8.11 40.72 3.48
C THR B 181 -7.14 40.27 2.40
N HIS B 182 -6.75 41.22 1.56
CA HIS B 182 -5.79 40.89 0.51
C HIS B 182 -4.46 40.45 1.09
N GLU B 183 -4.03 41.06 2.19
CA GLU B 183 -2.78 40.63 2.84
C GLU B 183 -2.85 39.16 3.24
N GLU B 184 -4.00 38.71 3.75
CA GLU B 184 -4.09 37.31 4.14
C GLU B 184 -4.05 36.40 2.92
N GLN B 185 -4.62 36.85 1.79
CA GLN B 185 -4.60 36.05 0.57
C GLN B 185 -3.19 35.91 0.03
N VAL B 186 -2.43 37.00 0.02
CA VAL B 186 -1.05 36.93 -0.44
C VAL B 186 -0.22 36.05 0.48
N HIS B 187 -0.41 36.21 1.79
CA HIS B 187 0.29 35.37 2.77
C HIS B 187 0.02 33.89 2.53
N ALA B 188 -1.19 33.56 2.06
CA ALA B 188 -1.53 32.17 1.78
C ALA B 188 -0.74 31.63 0.58
N PHE B 189 -0.71 32.40 -0.53
CA PHE B 189 0.06 31.98 -1.69
C PHE B 189 1.55 31.95 -1.39
N THR B 190 2.04 32.88 -0.56
CA THR B 190 3.45 32.89 -0.20
C THR B 190 3.79 31.69 0.67
N GLN B 191 2.98 31.42 1.69
CA GLN B 191 3.20 30.27 2.55
C GLN B 191 3.18 28.97 1.76
N MET B 192 2.31 28.87 0.75
CA MET B 192 2.24 27.64 -0.03
C MET B 192 3.48 27.45 -0.88
N HIS B 193 3.97 28.53 -1.49
CA HIS B 193 5.15 28.42 -2.34
C HIS B 193 6.39 28.17 -1.50
N GLU B 194 6.53 28.89 -0.38
CA GLU B 194 7.66 28.64 0.49
C GLU B 194 7.58 27.25 1.13
N PHE B 195 6.36 26.75 1.37
CA PHE B 195 6.22 25.39 1.87
C PHE B 195 6.85 24.39 0.91
N PHE B 196 6.58 24.54 -0.39
CA PHE B 196 7.13 23.60 -1.36
C PHE B 196 8.62 23.84 -1.61
N LEU B 197 9.10 25.07 -1.48
CA LEU B 197 10.54 25.29 -1.56
C LEU B 197 11.25 24.51 -0.46
N GLU B 198 10.64 24.44 0.73
CA GLU B 198 11.27 23.79 1.88
C GLU B 198 11.07 22.27 1.88
N HIS B 199 9.90 21.78 1.41
CA HIS B 199 9.53 20.39 1.64
C HIS B 199 9.37 19.53 0.38
N ALA B 200 9.35 20.10 -0.83
CA ALA B 200 8.94 19.31 -1.99
C ALA B 200 9.92 18.19 -2.30
N ARG B 201 11.23 18.47 -2.17
CA ARG B 201 12.21 17.42 -2.39
C ARG B 201 12.01 16.26 -1.43
N ARG B 202 11.75 16.57 -0.16
CA ARG B 202 11.49 15.52 0.83
C ARG B 202 10.23 14.74 0.48
N LEU B 203 9.15 15.46 0.18
CA LEU B 203 7.89 14.81 -0.20
C LEU B 203 8.08 13.90 -1.41
N ALA B 204 8.75 14.41 -2.44
CA ALA B 204 9.00 13.59 -3.62
C ALA B 204 9.89 12.38 -3.30
N GLY B 205 10.74 12.48 -2.28
CA GLY B 205 11.67 11.41 -1.97
C GLY B 205 11.04 10.19 -1.32
N THR B 206 9.88 10.36 -0.68
CA THR B 206 9.25 9.24 -0.02
C THR B 206 8.79 8.21 -1.06
N PRO B 207 8.82 6.92 -0.72
CA PRO B 207 8.31 5.90 -1.64
C PRO B 207 6.83 6.12 -1.94
N GLY B 208 6.44 5.74 -3.14
CA GLY B 208 5.05 5.83 -3.52
C GLY B 208 4.91 6.12 -5.01
N GLU B 209 3.65 6.34 -5.40
CA GLU B 209 3.28 6.62 -6.78
C GLU B 209 2.74 8.03 -6.94
N HIS B 210 3.06 8.94 -6.03
CA HIS B 210 2.50 10.28 -6.09
C HIS B 210 3.15 11.10 -7.20
N LEU B 211 2.35 12.03 -7.75
CA LEU B 211 2.74 12.77 -8.95
C LEU B 211 3.96 13.65 -8.73
N LEU B 212 4.10 14.22 -7.52
CA LEU B 212 5.28 15.04 -7.24
C LEU B 212 6.55 14.22 -7.36
N LYS B 213 6.51 12.94 -6.94
CA LYS B 213 7.67 12.07 -7.11
C LYS B 213 7.94 11.79 -8.59
N LEU B 214 6.88 11.52 -9.36
CA LEU B 214 7.05 11.33 -10.80
C LEU B 214 7.69 12.54 -11.45
N ILE B 215 7.29 13.73 -11.02
CA ILE B 215 7.82 14.96 -11.59
C ILE B 215 9.29 15.13 -11.21
N ALA B 216 9.62 14.95 -9.93
CA ALA B 216 11.00 15.17 -9.47
C ALA B 216 11.97 14.15 -10.05
N GLU B 217 11.49 12.95 -10.38
CA GLU B 217 12.38 11.89 -10.84
C GLU B 217 12.38 11.70 -12.35
N ALA B 218 11.51 12.41 -13.07
CA ALA B 218 11.42 12.24 -14.52
C ALA B 218 12.70 12.74 -15.20
N PRO B 219 13.14 12.07 -16.25
CA PRO B 219 14.33 12.54 -16.96
C PRO B 219 14.02 13.86 -17.65
N VAL B 220 14.99 14.75 -17.69
CA VAL B 220 14.79 16.08 -18.25
C VAL B 220 15.69 16.35 -19.44
N ASP B 221 15.18 17.14 -20.38
CA ASP B 221 15.92 17.48 -21.57
C ASP B 221 17.20 18.30 -21.40
N GLN B 222 17.13 19.35 -20.59
CA GLN B 222 18.30 20.21 -20.42
C GLN B 222 18.57 20.64 -18.99
N GLY B 223 19.05 19.74 -18.15
CA GLY B 223 19.34 20.11 -16.78
C GLY B 223 18.21 19.77 -15.85
N PRO B 224 18.55 19.53 -14.60
CA PRO B 224 17.60 19.11 -13.57
C PRO B 224 16.52 20.14 -13.30
N LEU B 225 15.34 19.64 -12.98
CA LEU B 225 14.23 20.51 -12.68
C LEU B 225 14.61 21.37 -11.49
N SER B 226 14.32 22.66 -11.58
CA SER B 226 14.68 23.60 -10.53
C SER B 226 13.77 23.44 -9.32
N ASP B 227 14.30 23.83 -8.15
CA ASP B 227 13.47 23.85 -6.95
C ASP B 227 12.25 24.74 -7.13
N GLU B 228 12.40 25.84 -7.87
CA GLU B 228 11.28 26.74 -8.15
C GLU B 228 10.21 26.04 -8.98
N ALA B 229 10.62 25.34 -10.03
CA ALA B 229 9.67 24.61 -10.87
C ALA B 229 8.96 23.51 -10.10
N LEU B 230 9.70 22.78 -9.26
CA LEU B 230 9.08 21.75 -8.44
C LEU B 230 8.12 22.35 -7.43
N ALA B 231 8.47 23.51 -6.86
CA ALA B 231 7.55 24.19 -5.95
C ALA B 231 6.30 24.66 -6.66
N GLU B 232 6.45 25.21 -7.87
CA GLU B 232 5.29 25.62 -8.64
C GLU B 232 4.37 24.44 -8.94
N ALA B 233 4.94 23.27 -9.19
CA ALA B 233 4.13 22.08 -9.43
C ALA B 233 3.34 21.71 -8.18
N GLY B 234 3.98 21.79 -7.01
CA GLY B 234 3.26 21.51 -5.78
C GLY B 234 2.07 22.43 -5.58
N SER B 235 2.29 23.74 -5.78
CA SER B 235 1.19 24.69 -5.62
CA SER B 235 1.20 24.70 -5.62
C SER B 235 0.09 24.44 -6.64
N LEU B 236 0.46 24.06 -7.86
CA LEU B 236 -0.55 23.71 -8.87
C LEU B 236 -1.41 22.54 -8.40
N LEU B 237 -0.76 21.49 -7.91
CA LEU B 237 -1.50 20.32 -7.47
C LEU B 237 -2.42 20.65 -6.30
N VAL B 238 -2.00 21.56 -5.42
CA VAL B 238 -2.87 21.97 -4.32
C VAL B 238 -4.08 22.73 -4.85
N VAL B 239 -3.85 23.80 -5.61
CA VAL B 239 -4.98 24.64 -6.05
C VAL B 239 -5.92 23.90 -7.00
N ALA B 240 -5.38 23.01 -7.85
CA ALA B 240 -6.21 22.33 -8.85
C ALA B 240 -6.84 21.05 -8.32
N GLY B 241 -6.24 20.43 -7.31
CA GLY B 241 -6.67 19.12 -6.86
C GLY B 241 -7.36 19.08 -5.51
N PHE B 242 -7.02 20.00 -4.61
CA PHE B 242 -7.50 19.91 -3.23
C PHE B 242 -8.88 20.55 -3.02
N PRO B 243 -9.06 21.86 -3.22
CA PRO B 243 -10.39 22.44 -2.95
C PRO B 243 -11.44 22.02 -3.97
N THR B 244 -11.01 21.63 -5.17
CA THR B 244 -11.93 21.14 -6.18
C THR B 244 -12.49 19.80 -5.78
N SER B 245 -11.60 18.86 -5.40
CA SER B 245 -12.06 17.55 -4.97
C SER B 245 -12.92 17.63 -3.72
N SER B 246 -12.49 18.41 -2.72
CA SER B 246 -13.26 18.49 -1.48
C SER B 246 -14.61 19.16 -1.71
N GLY B 247 -14.62 20.29 -2.44
CA GLY B 247 -15.89 20.94 -2.73
C GLY B 247 -16.83 20.06 -3.53
N PHE B 248 -16.32 19.41 -4.57
CA PHE B 248 -17.22 18.63 -5.41
C PHE B 248 -17.78 17.43 -4.67
N LEU B 249 -16.93 16.72 -3.90
CA LEU B 249 -17.43 15.57 -3.14
C LEU B 249 -18.51 15.98 -2.13
N CYS B 250 -18.29 17.10 -1.42
CA CYS B 250 -19.33 17.64 -0.55
C CYS B 250 -20.60 17.94 -1.33
N GLY B 251 -20.46 18.64 -2.46
CA GLY B 251 -21.62 19.00 -3.25
C GLY B 251 -22.34 17.79 -3.81
N ALA B 252 -21.59 16.78 -4.22
CA ALA B 252 -22.19 15.57 -4.77
C ALA B 252 -22.93 14.79 -3.71
N LEU B 253 -22.39 14.72 -2.49
CA LEU B 253 -23.10 14.10 -1.37
C LEU B 253 -24.43 14.80 -1.11
N LEU B 254 -24.43 16.13 -1.09
CA LEU B 254 -25.68 16.86 -0.89
C LEU B 254 -26.68 16.53 -1.99
N THR B 255 -26.23 16.51 -3.24
CA THR B 255 -27.12 16.15 -4.34
C THR B 255 -27.73 14.77 -4.13
N LEU B 256 -26.89 13.76 -3.83
CA LEU B 256 -27.41 12.42 -3.62
C LEU B 256 -28.40 12.36 -2.46
N LEU B 257 -28.10 13.05 -1.36
CA LEU B 257 -28.99 13.01 -0.20
C LEU B 257 -30.33 13.67 -0.48
N ARG B 258 -30.39 14.60 -1.43
CA ARG B 258 -31.64 15.24 -1.83
C ARG B 258 -32.43 14.46 -2.87
N HIS B 259 -31.89 13.33 -3.36
CA HIS B 259 -32.53 12.53 -4.41
C HIS B 259 -32.57 11.06 -4.01
N PRO B 260 -33.36 10.71 -2.99
CA PRO B 260 -33.36 9.31 -2.54
C PRO B 260 -33.93 8.32 -3.56
N ASP B 261 -34.85 8.76 -4.43
CA ASP B 261 -35.31 7.86 -5.48
C ASP B 261 -34.19 7.51 -6.45
N ALA B 262 -33.34 8.50 -6.78
CA ALA B 262 -32.19 8.19 -7.62
C ALA B 262 -31.24 7.23 -6.93
N VAL B 263 -30.97 7.44 -5.63
CA VAL B 263 -30.06 6.58 -4.91
C VAL B 263 -30.61 5.15 -4.84
N GLN B 264 -31.92 5.01 -4.67
CA GLN B 264 -32.55 3.70 -4.63
C GLN B 264 -32.31 2.93 -5.93
N GLU B 265 -32.45 3.61 -7.06
CA GLU B 265 -32.18 2.96 -8.34
C GLU B 265 -30.73 2.49 -8.44
N LEU B 266 -29.79 3.34 -8.02
CA LEU B 266 -28.38 2.94 -8.05
C LEU B 266 -28.10 1.81 -7.08
N HIS B 267 -28.84 1.74 -5.97
CA HIS B 267 -28.68 0.62 -5.06
C HIS B 267 -29.06 -0.68 -5.73
N ALA B 268 -30.15 -0.66 -6.50
CA ALA B 268 -30.62 -1.85 -7.19
C ALA B 268 -29.84 -2.14 -8.46
N HIS B 269 -29.18 -1.14 -9.05
CA HIS B 269 -28.45 -1.31 -10.31
C HIS B 269 -27.10 -0.60 -10.22
N PRO B 270 -26.13 -1.22 -9.54
CA PRO B 270 -24.81 -0.59 -9.41
C PRO B 270 -24.14 -0.29 -10.73
N GLU B 271 -24.52 -1.01 -11.81
CA GLU B 271 -23.96 -0.75 -13.12
C GLU B 271 -24.30 0.66 -13.64
N ARG B 272 -25.32 1.29 -13.08
CA ARG B 272 -25.73 2.64 -13.48
C ARG B 272 -24.96 3.73 -12.75
N VAL B 273 -24.07 3.38 -11.83
CA VAL B 273 -23.32 4.40 -11.09
C VAL B 273 -22.48 5.28 -11.99
N PRO B 274 -21.74 4.78 -12.98
CA PRO B 274 -20.97 5.71 -13.83
C PRO B 274 -21.82 6.79 -14.48
N SER B 275 -23.02 6.45 -14.96
CA SER B 275 -23.93 7.46 -15.50
C SER B 275 -24.28 8.51 -14.46
N ALA B 276 -24.51 8.08 -13.21
CA ALA B 276 -24.81 9.01 -12.14
C ALA B 276 -23.63 9.93 -11.85
N VAL B 277 -22.39 9.44 -11.97
CA VAL B 277 -21.21 10.28 -11.81
C VAL B 277 -21.21 11.40 -12.84
N GLU B 278 -21.50 11.06 -14.09
CA GLU B 278 -21.51 12.07 -15.13
C GLU B 278 -22.63 13.08 -14.90
N GLU B 279 -23.81 12.62 -14.45
CA GLU B 279 -24.88 13.58 -14.15
C GLU B 279 -24.54 14.44 -12.94
N LEU B 280 -23.84 13.90 -11.95
CA LEU B 280 -23.37 14.73 -10.83
C LEU B 280 -22.43 15.81 -11.33
N LEU B 281 -21.57 15.49 -12.31
CA LEU B 281 -20.63 16.47 -12.81
C LEU B 281 -21.34 17.56 -13.61
N ARG B 282 -22.51 17.27 -14.19
CA ARG B 282 -23.28 18.30 -14.87
C ARG B 282 -24.11 19.11 -13.88
N TYR B 283 -24.73 18.43 -12.93
CA TYR B 283 -25.80 19.04 -12.14
C TYR B 283 -25.26 19.77 -10.91
N THR B 284 -24.24 19.21 -10.27
CA THR B 284 -23.72 19.76 -9.02
C THR B 284 -22.81 20.94 -9.31
N PRO B 285 -23.12 22.14 -8.84
CA PRO B 285 -22.25 23.28 -9.11
C PRO B 285 -20.98 23.21 -8.29
N LEU B 286 -19.90 23.78 -8.86
CA LEU B 286 -18.64 23.81 -8.14
C LEU B 286 -18.10 25.24 -8.06
N SER B 287 -17.48 25.72 -9.15
CA SER B 287 -16.92 27.07 -9.13
C SER B 287 -18.01 28.15 -9.05
N THR B 288 -17.74 29.17 -8.26
CA THR B 288 -18.55 30.39 -8.19
C THR B 288 -18.06 31.45 -9.17
N GLY B 289 -16.98 31.17 -9.88
CA GLY B 289 -16.48 32.01 -10.96
C GLY B 289 -16.57 31.28 -12.29
N SER B 290 -15.68 31.58 -13.23
CA SER B 290 -15.80 31.05 -14.58
C SER B 290 -14.41 30.67 -15.09
N VAL B 291 -14.38 29.70 -16.02
CA VAL B 291 -13.18 29.57 -16.85
C VAL B 291 -13.06 30.83 -17.70
N LYS B 292 -11.82 31.16 -18.10
CA LYS B 292 -11.66 32.41 -18.84
C LYS B 292 -10.52 32.32 -19.84
N ARG B 293 -10.63 33.11 -20.91
CA ARG B 293 -9.68 33.09 -22.02
C ARG B 293 -9.52 34.51 -22.55
N MET B 294 -8.31 34.87 -22.97
CA MET B 294 -8.04 36.20 -23.49
C MET B 294 -8.03 36.17 -25.01
N ALA B 295 -8.76 37.13 -25.61
CA ALA B 295 -8.73 37.28 -27.06
C ALA B 295 -7.34 37.71 -27.51
N THR B 296 -6.75 36.97 -28.44
CA THR B 296 -5.46 37.34 -28.99
C THR B 296 -5.56 38.25 -30.21
N GLU B 297 -6.79 38.55 -30.65
CA GLU B 297 -7.00 39.44 -31.78
C GLU B 297 -8.47 39.87 -31.77
N ASP B 298 -8.72 41.01 -32.42
CA ASP B 298 -10.08 41.54 -32.49
C ASP B 298 -10.99 40.53 -33.20
N LEU B 299 -12.20 40.35 -32.67
CA LEU B 299 -13.13 39.39 -33.26
C LEU B 299 -14.54 39.72 -32.81
N GLU B 300 -15.52 39.19 -33.55
CA GLU B 300 -16.93 39.36 -33.27
C GLU B 300 -17.54 38.02 -32.86
N ILE B 301 -18.49 38.07 -31.93
CA ILE B 301 -19.24 36.89 -31.49
C ILE B 301 -20.72 37.24 -31.61
N ASP B 302 -21.37 36.72 -32.64
CA ASP B 302 -22.81 36.94 -32.84
C ASP B 302 -23.15 38.42 -32.74
N GLY B 303 -22.32 39.26 -33.37
CA GLY B 303 -22.54 40.68 -33.42
C GLY B 303 -21.77 41.49 -32.39
N VAL B 304 -21.31 40.86 -31.31
CA VAL B 304 -20.63 41.59 -30.24
C VAL B 304 -19.13 41.61 -30.51
N ARG B 305 -18.55 42.82 -30.49
CA ARG B 305 -17.14 43.02 -30.80
C ARG B 305 -16.28 42.79 -29.56
N ILE B 306 -15.39 41.81 -29.65
CA ILE B 306 -14.35 41.55 -28.66
C ILE B 306 -13.06 42.12 -29.21
N LYS B 307 -12.31 42.84 -28.38
CA LYS B 307 -11.04 43.41 -28.78
C LYS B 307 -9.89 42.60 -28.22
N ALA B 308 -8.75 42.64 -28.93
CA ALA B 308 -7.58 41.92 -28.47
C ALA B 308 -7.20 42.35 -27.06
N GLY B 309 -6.92 41.37 -26.20
CA GLY B 309 -6.57 41.63 -24.84
C GLY B 309 -7.72 41.57 -23.86
N GLU B 310 -8.95 41.58 -24.35
CA GLU B 310 -10.09 41.43 -23.46
C GLU B 310 -10.25 39.97 -23.07
N VAL B 311 -10.91 39.75 -21.93
CA VAL B 311 -11.04 38.42 -21.36
C VAL B 311 -12.51 38.02 -21.38
N VAL B 312 -12.77 36.82 -21.88
CA VAL B 312 -14.11 36.23 -21.95
C VAL B 312 -14.19 35.07 -20.98
N MET B 313 -15.21 35.09 -20.14
CA MET B 313 -15.49 34.07 -19.14
C MET B 313 -16.62 33.18 -19.63
N VAL B 314 -16.51 31.89 -19.30
CA VAL B 314 -17.62 30.95 -19.45
C VAL B 314 -17.93 30.37 -18.07
N SER B 315 -19.16 30.56 -17.61
CA SER B 315 -19.61 29.89 -16.39
C SER B 315 -20.00 28.46 -16.73
N LEU B 316 -19.22 27.50 -16.20
CA LEU B 316 -19.52 26.09 -16.44
C LEU B 316 -20.87 25.71 -15.86
N GLU B 317 -21.21 26.27 -14.70
CA GLU B 317 -22.52 26.03 -14.11
C GLU B 317 -23.62 26.52 -15.04
N ALA B 318 -23.48 27.73 -15.57
CA ALA B 318 -24.48 28.27 -16.47
C ALA B 318 -24.65 27.39 -17.70
N VAL B 319 -23.54 26.97 -18.32
CA VAL B 319 -23.67 26.15 -19.52
C VAL B 319 -24.20 24.75 -19.20
N ASN B 320 -23.85 24.20 -18.03
CA ASN B 320 -24.38 22.90 -17.63
C ASN B 320 -25.87 22.93 -17.34
N HIS B 321 -26.44 24.11 -17.12
CA HIS B 321 -27.87 24.26 -16.87
C HIS B 321 -28.61 24.95 -18.02
N ASP B 322 -28.02 24.92 -19.20
CA ASP B 322 -28.62 25.56 -20.37
C ASP B 322 -29.72 24.66 -20.90
N PRO B 323 -30.99 25.09 -20.87
CA PRO B 323 -32.07 24.24 -21.41
C PRO B 323 -31.97 24.00 -22.91
N ASP B 324 -31.18 24.78 -23.63
CA ASP B 324 -30.98 24.49 -25.05
C ASP B 324 -30.04 23.32 -25.29
N ALA B 325 -29.33 22.88 -24.26
CA ALA B 325 -28.50 21.68 -24.33
C ALA B 325 -29.06 20.52 -23.51
N PHE B 326 -29.70 20.81 -22.38
CA PHE B 326 -30.17 19.77 -21.47
C PHE B 326 -31.65 20.00 -21.19
N GLU B 327 -32.49 19.04 -21.60
CA GLU B 327 -33.90 19.14 -21.28
C GLU B 327 -34.10 19.05 -19.77
N ASP B 328 -34.95 19.91 -19.23
CA ASP B 328 -35.17 19.99 -17.78
C ASP B 328 -33.83 20.12 -17.06
N PRO B 329 -33.06 21.17 -17.35
CA PRO B 329 -31.66 21.20 -16.88
C PRO B 329 -31.50 21.23 -15.37
N ASP B 330 -32.54 21.63 -14.64
CA ASP B 330 -32.45 21.72 -13.19
C ASP B 330 -32.97 20.48 -12.49
N VAL B 331 -33.13 19.38 -13.22
CA VAL B 331 -33.50 18.09 -12.65
C VAL B 331 -32.28 17.18 -12.69
N PHE B 332 -31.97 16.58 -11.53
CA PHE B 332 -30.93 15.56 -11.42
C PHE B 332 -31.45 14.25 -12.00
N ARG B 333 -30.93 13.87 -13.17
CA ARG B 333 -31.49 12.77 -13.96
C ARG B 333 -30.36 11.85 -14.43
N PRO B 334 -29.92 10.92 -13.59
CA PRO B 334 -28.91 9.95 -14.05
C PRO B 334 -29.44 9.15 -15.22
N GLY B 335 -28.55 8.78 -16.12
CA GLY B 335 -29.03 8.11 -17.32
C GLY B 335 -29.65 9.03 -18.34
N ARG B 336 -29.78 10.32 -18.02
CA ARG B 336 -29.90 11.34 -19.04
C ARG B 336 -28.87 11.05 -20.12
N GLU B 337 -29.27 11.26 -21.38
CA GLU B 337 -28.33 11.07 -22.48
C GLU B 337 -28.12 12.38 -23.21
N GLY B 338 -27.89 13.45 -22.44
CA GLY B 338 -27.64 14.73 -23.02
C GLY B 338 -26.25 14.82 -23.62
N PRO B 339 -25.89 15.99 -24.11
CA PRO B 339 -24.54 16.18 -24.65
C PRO B 339 -23.52 16.18 -23.52
N MET B 340 -22.24 16.16 -23.91
CA MET B 340 -21.17 16.14 -22.92
C MET B 340 -21.32 17.35 -22.00
N HIS B 341 -21.13 17.11 -20.71
CA HIS B 341 -21.20 18.19 -19.72
C HIS B 341 -19.90 19.01 -19.75
N PHE B 342 -19.94 20.17 -19.07
CA PHE B 342 -18.80 21.07 -18.96
C PHE B 342 -18.15 21.02 -17.57
N GLY B 343 -18.46 20.00 -16.77
CA GLY B 343 -17.91 19.94 -15.42
C GLY B 343 -16.39 19.89 -15.36
N PHE B 344 -15.75 19.35 -16.41
CA PHE B 344 -14.29 19.31 -16.51
C PHE B 344 -13.76 20.29 -17.56
N GLY B 345 -14.61 21.19 -18.04
CA GLY B 345 -14.22 22.10 -19.10
C GLY B 345 -14.46 21.49 -20.47
N ARG B 346 -13.69 21.98 -21.43
CA ARG B 346 -13.80 21.49 -22.79
C ARG B 346 -12.55 21.92 -23.57
N GLY B 347 -12.11 21.06 -24.47
CA GLY B 347 -11.02 21.43 -25.36
C GLY B 347 -9.65 21.22 -24.75
N ARG B 348 -8.72 22.09 -25.13
CA ARG B 348 -7.30 21.89 -24.83
C ARG B 348 -7.04 21.76 -23.33
N HIS B 349 -7.77 22.51 -22.50
CA HIS B 349 -7.51 22.57 -21.07
C HIS B 349 -8.43 21.68 -20.25
N PHE B 350 -9.11 20.74 -20.90
CA PHE B 350 -9.95 19.77 -20.19
C PHE B 350 -9.17 19.15 -19.04
N CYS B 351 -9.81 19.07 -17.86
CA CYS B 351 -9.16 18.72 -16.61
C CYS B 351 -8.26 17.50 -16.77
N PRO B 352 -6.94 17.63 -16.58
CA PRO B 352 -6.08 16.44 -16.65
C PRO B 352 -6.29 15.47 -15.50
N GLY B 353 -6.91 15.90 -14.41
CA GLY B 353 -7.21 14.99 -13.34
C GLY B 353 -8.58 14.33 -13.45
N ASN B 354 -9.21 14.41 -14.63
CA ASN B 354 -10.60 13.98 -14.76
C ASN B 354 -10.78 12.50 -14.46
N ARG B 355 -9.80 11.66 -14.79
CA ARG B 355 -9.96 10.23 -14.53
C ARG B 355 -9.86 9.93 -13.04
N LEU B 356 -8.94 10.60 -12.34
CA LEU B 356 -8.82 10.44 -10.90
C LEU B 356 -10.04 11.01 -10.20
N ALA B 357 -10.52 12.18 -10.64
CA ALA B 357 -11.73 12.74 -10.05
C ALA B 357 -12.93 11.80 -10.22
N ARG B 358 -13.12 11.26 -11.43
CA ARG B 358 -14.22 10.35 -11.66
C ARG B 358 -14.09 9.11 -10.77
N CYS B 359 -12.86 8.64 -10.59
CA CYS B 359 -12.64 7.46 -9.74
C CYS B 359 -13.14 7.70 -8.32
N VAL B 360 -12.77 8.84 -7.73
CA VAL B 360 -13.15 9.13 -6.35
C VAL B 360 -14.65 9.44 -6.27
N ILE B 361 -15.20 10.12 -7.28
CA ILE B 361 -16.65 10.36 -7.26
C ILE B 361 -17.40 9.04 -7.31
N GLU B 362 -16.97 8.13 -8.18
CA GLU B 362 -17.64 6.85 -8.30
C GLU B 362 -17.60 6.07 -6.99
N ALA B 363 -16.42 6.05 -6.34
CA ALA B 363 -16.31 5.34 -5.07
C ALA B 363 -17.24 5.95 -4.02
N THR B 364 -17.43 7.26 -4.08
CA THR B 364 -18.33 7.93 -3.13
C THR B 364 -19.79 7.57 -3.42
N VAL B 365 -20.19 7.61 -4.70
CA VAL B 365 -21.55 7.24 -5.05
C VAL B 365 -21.85 5.83 -4.59
N ARG B 366 -20.92 4.90 -4.85
CA ARG B 366 -21.14 3.51 -4.47
C ARG B 366 -21.26 3.36 -2.95
N ALA B 367 -20.44 4.08 -2.18
CA ALA B 367 -20.52 3.95 -0.72
C ALA B 367 -21.88 4.41 -0.19
N VAL B 368 -22.48 5.41 -0.84
CA VAL B 368 -23.81 5.87 -0.45
C VAL B 368 -24.88 4.89 -0.91
N ALA B 369 -24.80 4.45 -2.17
CA ALA B 369 -25.84 3.62 -2.75
C ALA B 369 -25.93 2.27 -2.04
N ARG B 370 -24.81 1.75 -1.56
CA ARG B 370 -24.85 0.47 -0.86
C ARG B 370 -25.58 0.54 0.47
N ARG B 371 -25.91 1.74 0.96
CA ARG B 371 -26.47 1.90 2.30
C ARG B 371 -27.72 2.76 2.26
N PRO B 372 -28.86 2.20 1.86
CA PRO B 372 -30.10 2.99 1.81
C PRO B 372 -30.43 3.63 3.15
N GLY B 373 -31.06 4.80 3.08
CA GLY B 373 -31.49 5.51 4.27
C GLY B 373 -30.61 6.63 4.73
N LEU B 374 -29.45 6.85 4.09
CA LEU B 374 -28.59 7.96 4.47
C LEU B 374 -29.26 9.28 4.11
N ARG B 375 -29.30 10.20 5.07
CA ARG B 375 -30.14 11.38 4.95
C ARG B 375 -29.44 12.58 5.58
N LEU B 376 -29.78 13.76 5.09
CA LEU B 376 -29.38 15.00 5.75
C LEU B 376 -30.12 15.12 7.08
N ALA B 377 -29.39 15.46 8.14
CA ALA B 377 -29.98 15.63 9.47
C ALA B 377 -30.63 16.98 9.66
N VAL B 378 -30.51 17.88 8.67
CA VAL B 378 -31.10 19.21 8.71
C VAL B 378 -31.72 19.48 7.34
N ALA B 379 -32.42 20.60 7.25
CA ALA B 379 -32.98 21.01 5.97
C ALA B 379 -31.88 21.58 5.08
N PRO B 380 -32.02 21.44 3.77
CA PRO B 380 -30.98 21.94 2.85
C PRO B 380 -30.69 23.43 3.03
N GLU B 381 -31.70 24.21 3.37
CA GLU B 381 -31.51 25.63 3.64
C GLU B 381 -30.75 25.87 4.94
N GLU B 382 -30.71 24.90 5.83
CA GLU B 382 -30.00 25.01 7.10
C GLU B 382 -28.53 24.63 7.00
N ILE B 383 -28.07 24.22 5.80
CA ILE B 383 -26.64 24.02 5.58
C ILE B 383 -25.94 25.38 5.54
N SER B 384 -24.81 25.48 6.22
CA SER B 384 -24.00 26.69 6.22
C SER B 384 -22.86 26.53 5.23
N TRP B 385 -22.52 27.62 4.53
CA TRP B 385 -21.57 27.58 3.44
C TRP B 385 -20.43 28.55 3.69
N HIS B 386 -19.23 28.16 3.20
CA HIS B 386 -18.09 29.06 3.24
C HIS B 386 -18.30 30.16 2.20
N GLU B 387 -18.30 31.41 2.65
CA GLU B 387 -18.69 32.51 1.79
C GLU B 387 -17.50 32.95 0.94
N GLY B 388 -17.70 32.95 -0.37
CA GLY B 388 -16.76 33.54 -1.29
C GLY B 388 -15.70 32.61 -1.86
N LEU B 389 -15.68 31.35 -1.47
CA LEU B 389 -14.71 30.42 -2.05
C LEU B 389 -14.92 30.33 -3.56
N PHE B 390 -13.80 30.26 -4.30
CA PHE B 390 -13.90 29.93 -5.72
C PHE B 390 -14.64 28.62 -5.92
N PHE B 391 -14.39 27.64 -5.05
CA PHE B 391 -14.95 26.30 -5.19
C PHE B 391 -15.88 26.02 -4.01
N ARG B 392 -17.18 26.00 -4.29
CA ARG B 392 -18.20 25.91 -3.26
C ARG B 392 -17.89 24.80 -2.27
N ARG B 393 -18.15 25.06 -0.97
CA ARG B 393 -18.04 24.00 0.02
C ARG B 393 -18.85 24.33 1.25
N PRO B 394 -19.67 23.40 1.73
CA PRO B 394 -20.44 23.65 2.95
C PRO B 394 -19.53 23.57 4.16
N ARG B 395 -19.89 24.34 5.20
CA ARG B 395 -19.10 24.30 6.42
C ARG B 395 -19.18 22.93 7.10
N ALA B 396 -20.32 22.26 6.96
CA ALA B 396 -20.56 20.94 7.54
C ALA B 396 -21.75 20.33 6.82
N ILE B 397 -21.80 19.00 6.82
CA ILE B 397 -22.93 18.25 6.25
C ILE B 397 -23.50 17.33 7.34
N PRO B 398 -24.39 17.82 8.19
CA PRO B 398 -24.98 16.96 9.23
C PRO B 398 -25.81 15.87 8.56
N ALA B 399 -25.49 14.61 8.88
CA ALA B 399 -26.16 13.50 8.24
C ALA B 399 -26.41 12.39 9.27
N THR B 400 -27.26 11.44 8.88
CA THR B 400 -27.63 10.34 9.77
C THR B 400 -28.33 9.28 8.94
N TRP B 401 -28.42 8.09 9.52
CA TRP B 401 -29.32 7.07 9.03
C TRP B 401 -30.55 7.07 9.94
CHA HEM C . 17.61 -22.71 14.10
CHB HEM C . 13.48 -20.46 12.84
CHC HEM C . 15.88 -18.25 9.26
CHD HEM C . 20.00 -20.45 10.53
C1A HEM C . 16.30 -22.30 14.11
C2A HEM C . 15.28 -22.68 15.06
C3A HEM C . 14.15 -22.05 14.68
C4A HEM C . 14.41 -21.25 13.51
CMA HEM C . 12.78 -22.18 15.35
CAA HEM C . 15.43 -23.60 16.28
CBA HEM C . 15.50 -25.10 15.98
CGA HEM C . 15.64 -25.94 17.23
O1A HEM C . 15.36 -25.40 18.33
O2A HEM C . 16.02 -27.14 17.12
C1B HEM C . 13.76 -19.67 11.74
C2B HEM C . 12.81 -18.85 11.01
C3B HEM C . 13.48 -18.26 9.99
C4B HEM C . 14.87 -18.68 10.10
CMB HEM C . 11.31 -18.74 11.36
CAB HEM C . 12.96 -17.27 8.91
CBB HEM C . 11.91 -16.47 9.12
C1C HEM C . 17.20 -18.62 9.31
C2C HEM C . 18.24 -18.14 8.42
C3C HEM C . 19.37 -18.75 8.75
C4C HEM C . 19.10 -19.64 9.87
CMC HEM C . 18.03 -17.11 7.29
CAC HEM C . 20.72 -18.49 8.03
CBC HEM C . 21.77 -19.30 8.16
C1D HEM C . 19.70 -21.34 11.54
C2D HEM C . 20.54 -22.38 12.06
C3D HEM C . 19.88 -23.00 13.06
C4D HEM C . 18.59 -22.37 13.18
CMD HEM C . 21.98 -22.67 11.53
CAD HEM C . 20.34 -24.21 13.93
CBD HEM C . 20.75 -23.75 15.32
CGD HEM C . 21.08 -24.96 16.18
O1D HEM C . 20.60 -26.09 15.91
O2D HEM C . 21.80 -24.78 17.18
NA HEM C . 15.75 -21.41 13.20
NB HEM C . 15.00 -19.55 11.17
NC HEM C . 17.75 -19.53 10.19
ND HEM C . 18.50 -21.37 12.24
FE HEM C . 16.82 -20.23 11.88
C QRP D . 13.38 -30.06 12.73
N QRP D . 11.50 -28.78 11.89
O QRP D . 14.14 -30.27 13.67
CA QRP D . 12.82 -28.67 12.52
CB QRP D . 12.69 -27.83 13.80
CG QRP D . 11.99 -26.54 13.45
OAA QRP D . 10.15 -29.62 10.27
CAH QRP D . 12.65 -33.11 10.84
CAI QRP D . 11.51 -32.16 10.52
CAJ QRP D . 13.45 -32.41 11.94
CAN QRP D . 11.16 -29.68 10.96
CAT QRP D . 12.15 -30.79 10.73
NAU QRP D . 13.03 -31.01 11.87
CD1 QRP D . 10.69 -26.23 13.83
CD2 QRP D . 12.42 -25.46 12.68
NE1 QRP D . 10.36 -25.00 13.34
CE2 QRP D . 11.39 -24.53 12.63
CE3 QRP D . 13.62 -25.23 12.04
CH2 QRP D . 12.79 -23.11 11.27
CZ2 QRP D . 11.58 -23.34 11.92
CZ3 QRP D . 13.81 -24.05 11.33
C QRP E . 18.61 -29.98 13.08
N QRP E . 19.82 -27.89 13.73
O QRP E . 17.74 -30.82 13.24
CA QRP E . 18.65 -28.76 13.96
CB QRP E . 17.31 -28.03 13.78
CG QRP E . 17.14 -27.36 12.42
OAA QRP E . 21.61 -27.22 12.56
CAH QRP E . 19.86 -30.24 9.81
CAI QRP E . 20.45 -28.95 10.41
CAJ QRP E . 19.35 -31.06 10.98
CAN QRP E . 20.72 -28.04 12.75
CAT QRP E . 20.65 -29.26 11.89
NAU QRP E . 19.49 -30.11 12.09
CD1 QRP E . 17.42 -26.03 12.16
CD2 QRP E . 16.66 -27.89 11.24
NE1 QRP E . 17.13 -25.77 10.87
CE2 QRP E . 16.66 -26.90 10.27
CE3 QRP E . 16.21 -29.18 10.94
CH2 QRP E . 15.79 -28.46 8.66
CZ2 QRP E . 16.24 -27.18 8.98
CZ3 QRP E . 15.78 -29.45 9.64
C1 EDO F . 5.77 -41.98 32.96
O1 EDO F . 4.97 -40.84 33.30
C2 EDO F . 5.91 -42.07 31.45
O2 EDO F . 4.64 -42.38 30.87
C1 EDO G . 5.73 -16.29 -12.40
O1 EDO G . 5.55 -17.58 -13.02
C2 EDO G . 4.40 -15.73 -11.94
O2 EDO G . 3.70 -16.72 -11.16
C1 EDO H . 31.72 -10.20 16.26
O1 EDO H . 30.64 -10.02 15.33
C2 EDO H . 32.89 -9.32 15.82
O2 EDO H . 32.46 -7.96 15.78
CHA HEM I . -8.32 22.02 -15.01
CHB HEM I . -5.82 19.05 -12.09
CHC HEM I . -9.99 17.67 -10.02
CHD HEM I . -12.50 20.58 -12.96
C1A HEM I . -7.29 21.42 -14.34
C2A HEM I . -5.89 21.74 -14.48
C3A HEM I . -5.19 20.90 -13.67
C4A HEM I . -6.14 20.04 -13.00
CMA HEM I . -3.66 20.82 -13.44
CAA HEM I . -5.34 22.88 -15.39
CBA HEM I . -5.30 22.46 -16.86
CGA HEM I . -5.00 23.63 -17.78
O1A HEM I . -4.56 23.34 -18.93
O2A HEM I . -5.22 24.81 -17.40
C1B HEM I . -6.71 18.39 -11.28
C2B HEM I . -6.41 17.40 -10.25
C3B HEM I . -7.56 17.02 -9.68
C4B HEM I . -8.64 17.75 -10.32
CMB HEM I . -4.97 16.94 -9.93
CAB HEM I . -7.83 16.01 -8.55
CBB HEM I . -6.89 15.26 -7.97
C1C HEM I . -11.03 18.35 -10.60
C2C HEM I . -12.43 18.24 -10.24
C3C HEM I . -13.11 19.06 -11.06
C4C HEM I . -12.18 19.69 -11.97
CMC HEM I . -12.95 17.35 -9.09
CAC HEM I . -14.63 19.33 -11.16
CBC HEM I . -15.58 18.56 -10.61
C1D HEM I . -11.59 21.19 -13.79
C2D HEM I . -11.90 22.13 -14.86
C3D HEM I . -10.76 22.52 -15.44
C4D HEM I . -9.68 21.86 -14.74
CMD HEM I . -13.32 22.56 -15.23
CAD HEM I . -10.64 23.48 -16.66
CBD HEM I . -10.09 24.86 -16.31
CGD HEM I . -10.13 25.73 -17.56
O1D HEM I . -10.70 25.31 -18.61
O2D HEM I . -9.58 26.86 -17.52
NA HEM I . -7.41 20.39 -13.42
NB HEM I . -8.07 18.57 -11.30
NC HEM I . -10.92 19.26 -11.65
ND HEM I . -10.21 21.07 -13.74
FE HEM I . -9.18 19.62 -12.65
C QRP J . -10.61 29.97 -12.74
N QRP J . -12.53 29.04 -11.54
O QRP J . -10.05 30.09 -13.81
CA QRP J . -11.41 28.73 -12.42
CB QRP J . -11.86 27.98 -13.67
CG QRP J . -12.81 26.88 -13.24
OAA QRP J . -13.34 30.09 -9.71
CAH QRP J . -10.25 32.96 -10.68
CAI QRP J . -11.44 32.21 -10.09
CAJ QRP J . -9.90 32.20 -11.96
CAN QRP J . -12.45 29.93 -10.55
CAT QRP J . -11.20 30.75 -10.49
NAU QRP J . -10.58 30.90 -11.80
CD1 QRP J . -14.19 26.92 -13.39
CD2 QRP J . -12.53 25.69 -12.57
NE1 QRP J . -14.73 25.80 -12.86
CE2 QRP J . -13.74 25.04 -12.35
CE3 QRP J . -11.33 25.16 -12.14
CH2 QRP J . -12.54 23.28 -11.25
CZ2 QRP J . -13.73 23.82 -11.69
CZ3 QRP J . -11.34 23.94 -11.49
C QRP K . -5.69 28.82 -14.09
N QRP K . -5.08 26.60 -15.03
O QRP K . -6.40 29.82 -14.06
CA QRP K . -6.08 27.67 -14.95
CB QRP K . -7.49 27.15 -14.55
CG QRP K . -7.57 26.48 -13.20
OAA QRP K . -3.27 25.50 -14.28
CAH QRP K . -3.75 28.62 -11.17
CAI QRP K . -3.63 27.28 -11.88
CAJ QRP K . -4.26 29.62 -12.21
CAN QRP K . -4.00 26.50 -14.25
CAT QRP K . -3.64 27.66 -13.36
NAU QRP K . -4.61 28.74 -13.31
CD1 QRP K . -7.57 25.11 -12.99
CD2 QRP K . -7.67 27.06 -11.93
NE1 QRP K . -7.67 24.86 -11.66
CE2 QRP K . -7.73 26.03 -11.00
CE3 QRP K . -7.73 28.40 -11.53
CH2 QRP K . -7.87 27.68 -9.24
CZ2 QRP K . -7.82 26.35 -9.64
CZ3 QRP K . -7.84 28.70 -10.18
C1 EDO L . -24.72 44.10 -18.17
O1 EDO L . -23.66 44.27 -17.21
C2 EDO L . -25.71 45.27 -18.08
O2 EDO L . -26.44 45.21 -16.84
C1 EDO M . -16.29 44.05 -21.66
O1 EDO M . -16.23 45.33 -21.01
C2 EDO M . -15.00 43.25 -21.42
O2 EDO M . -13.84 43.87 -22.01
#